data_1ETN
# 
_entry.id   1ETN 
# 
_audit_conform.dict_name       mmcif_pdbx.dic 
_audit_conform.dict_version    5.403 
_audit_conform.dict_location   http://mmcif.pdb.org/dictionaries/ascii/mmcif_pdbx.dic 
# 
loop_
_database_2.database_id 
_database_2.database_code 
_database_2.pdbx_database_accession 
_database_2.pdbx_DOI 
PDB   1ETN         pdb_00001etn 10.2210/pdb1etn/pdb 
WWPDB D_1000173166 ?            ?                   
# 
loop_
_pdbx_audit_revision_history.ordinal 
_pdbx_audit_revision_history.data_content_type 
_pdbx_audit_revision_history.major_revision 
_pdbx_audit_revision_history.minor_revision 
_pdbx_audit_revision_history.revision_date 
_pdbx_audit_revision_history.part_number 
1 'Structure model' 1 0 1996-01-29 ? 
2 'Structure model' 1 1 2008-03-03 ? 
3 'Structure model' 1 2 2011-07-13 ? 
4 'Structure model' 1 3 2013-06-19 ? 
5 'Structure model' 1 4 2017-11-29 ? 
6 'Structure model' 1 5 2025-03-26 ? 
# 
_pdbx_audit_revision_details.ordinal             1 
_pdbx_audit_revision_details.revision_ordinal    1 
_pdbx_audit_revision_details.data_content_type   'Structure model' 
_pdbx_audit_revision_details.provider            repository 
_pdbx_audit_revision_details.type                'Initial release' 
_pdbx_audit_revision_details.description         ? 
_pdbx_audit_revision_details.details             ? 
# 
loop_
_pdbx_audit_revision_group.ordinal 
_pdbx_audit_revision_group.revision_ordinal 
_pdbx_audit_revision_group.data_content_type 
_pdbx_audit_revision_group.group 
1 2 'Structure model' 'Version format compliance' 
2 3 'Structure model' 'Version format compliance' 
3 4 'Structure model' Other                       
4 5 'Structure model' 'Derived calculations'      
5 5 'Structure model' Other                       
6 6 'Structure model' 'Data collection'           
7 6 'Structure model' 'Database references'       
8 6 'Structure model' 'Derived calculations'      
9 6 'Structure model' 'Structure summary'         
# 
loop_
_pdbx_audit_revision_category.ordinal 
_pdbx_audit_revision_category.revision_ordinal 
_pdbx_audit_revision_category.data_content_type 
_pdbx_audit_revision_category.category 
1 5 'Structure model' pdbx_database_status      
2 5 'Structure model' struct_conf               
3 5 'Structure model' struct_conf_type          
4 6 'Structure model' chem_comp_atom            
5 6 'Structure model' chem_comp_bond            
6 6 'Structure model' database_2                
7 6 'Structure model' pdbx_entry_details        
8 6 'Structure model' pdbx_modification_feature 
9 6 'Structure model' struct_conn               
# 
loop_
_pdbx_audit_revision_item.ordinal 
_pdbx_audit_revision_item.revision_ordinal 
_pdbx_audit_revision_item.data_content_type 
_pdbx_audit_revision_item.item 
1 5 'Structure model' '_pdbx_database_status.process_site'           
2 6 'Structure model' '_database_2.pdbx_DOI'                         
3 6 'Structure model' '_database_2.pdbx_database_accession'          
4 6 'Structure model' '_pdbx_entry_details.has_protein_modification' 
5 6 'Structure model' '_struct_conn.pdbx_leaving_atom_flag'          
# 
_pdbx_database_status.status_code                     REL 
_pdbx_database_status.entry_id                        1ETN 
_pdbx_database_status.recvd_initial_deposition_date   1994-03-15 
_pdbx_database_status.deposit_site                    ? 
_pdbx_database_status.process_site                    BNL 
_pdbx_database_status.SG_entry                        . 
_pdbx_database_status.status_code_sf                  REL 
_pdbx_database_status.status_code_mr                  ? 
_pdbx_database_status.status_code_cs                  ? 
_pdbx_database_status.methods_development_category    ? 
_pdbx_database_status.pdb_format_compatible           Y 
_pdbx_database_status.status_code_nmr_data            ? 
# 
loop_
_audit_author.name 
_audit_author.pdbx_ordinal 
'Sato, T.'       1 
'Shimonishi, Y.' 2 
# 
loop_
_citation.id 
_citation.title 
_citation.journal_abbrev 
_citation.journal_volume 
_citation.page_first 
_citation.page_last 
_citation.year 
_citation.journal_id_ASTM 
_citation.country 
_citation.journal_id_ISSN 
_citation.journal_id_CSD 
_citation.book_publisher 
_citation.pdbx_database_id_PubMed 
_citation.pdbx_database_id_DOI 
primary 
;Molecular structure of the toxin domain of heat-stable enterotoxin produced by a pathogenic strain of Escherichia coli. A putative binding site for a binding protein on rat intestinal epithelial cell membranes.
;
J.Biol.Chem.       266 5934 5941 1991 JBCHA3 US 0021-9258 0071 ? 2005130 ? 
1       
;Structural Characteristics for Biological Activity of Heat-Stable Enterotoxin Produced by Enterotoxigenic Escherichia Coli: X-Ray Crystallography of Weakly Toxic and Nontoxic Analogs
;
Biochemistry       33  8641 ?    1994 BICHAW US 0006-2960 0033 ? ?       ? 
2       
;Semi-Preparative Purification and Crystallization of Synthetic Analogs of Heat-Stable Enterotoxin of Enterotoxigenic Escherichia Coli
;
Bull.Chem.Soc.Jpn. 65  938  ?    1992 BCSJA8 JA 0009-2673 0007 ? ?       ? 
3       
;Structure-Activity Relationship of Escherichia Coli Heat-Stable Enterotoxin: Role of Ala Residue at Position 14 in Toxin-Receptor Interaction
;
Bull.Chem.Soc.Jpn. 63  2063 ?    1990 BCSJA8 JA 0009-2673 0007 ? ?       ? 
4       
'Essential Structure for Full Enterotoxigenic Activity of Heat-Stable Enterotoxin Produced by Enterotoxigenic Escherichia Coli' 
'FEBS Lett.'       181 138  ?    1985 FEBLAL NE 0014-5793 0165 ? ?       ? 
# 
loop_
_citation_author.citation_id 
_citation_author.name 
_citation_author.ordinal 
_citation_author.identifier_ORCID 
primary 'Ozaki, H.'      1  ? 
primary 'Sato, T.'       2  ? 
primary 'Kubota, H.'     3  ? 
primary 'Hata, Y.'       4  ? 
primary 'Katsube, Y.'    5  ? 
primary 'Shimonishi, Y.' 6  ? 
1       'Sato, T.'       7  ? 
1       'Ozaki, H.'      8  ? 
1       'Hata, Y.'       9  ? 
1       'Kitagawa, Y.'   10 ? 
1       'Katsube, Y.'    11 ? 
1       'Shimonishi, Y.' 12 ? 
2       'Sato, T.'       13 ? 
2       'Ito, H.'        14 ? 
2       'Takeda, Y.'     15 ? 
2       'Shimonishi, Y.' 16 ? 
3       'Yamasaki, S.'   17 ? 
3       'Sato, T.'       18 ? 
3       'Hidaka, Y.'     19 ? 
3       'Ozaki, H.'      20 ? 
3       'Ito, H.'        21 ? 
3       'Hirayama, T.'   22 ? 
3       'Takeda, Y.'     23 ? 
3       'Sugimura, T.'   24 ? 
3       'Tai, A.'        25 ? 
3       'Shimonishi, Y.' 26 ? 
4       'Yoshimura, S.'  27 ? 
4       'Ikemura, H.'    28 ? 
4       'Watanabe, H.'   29 ? 
4       'Aimoto, H.'     30 ? 
4       'Shimonishi, Y.' 31 ? 
4       'Hara, S.'       32 ? 
4       'Takeda, T.'     33 ? 
4       'Miwatani, T.'   34 ? 
4       'Takeda, Y.'     35 ? 
# 
loop_
_entity.id 
_entity.type 
_entity.src_method 
_entity.pdbx_description 
_entity.formula_weight 
_entity.pdbx_number_of_molecules 
_entity.pdbx_ec 
_entity.pdbx_mutation 
_entity.pdbx_fragment 
_entity.details 
1 polymer man '5-BETA-MERCAPTOPROPIONATE HEAT-STABLE ENTEROTOXIN' 1258.555 1  ? ? ? ? 
2 water   nat water                                               18.015   13 ? ? ? ? 
# 
_entity_name_com.entity_id   1 
_entity_name_com.name        '(MPR==5==)STP(5-17)' 
# 
_entity_poly.entity_id                      1 
_entity_poly.type                           'polypeptide(L)' 
_entity_poly.nstd_linkage                   no 
_entity_poly.nstd_monomer                   yes 
_entity_poly.pdbx_seq_one_letter_code       '(MPR)CELCCNPACAGC' 
_entity_poly.pdbx_seq_one_letter_code_can   XCELCCNPACAGC 
_entity_poly.pdbx_strand_id                 A 
_entity_poly.pdbx_target_identifier         ? 
# 
_pdbx_entity_nonpoly.entity_id   2 
_pdbx_entity_nonpoly.name        water 
_pdbx_entity_nonpoly.comp_id     HOH 
# 
loop_
_entity_poly_seq.entity_id 
_entity_poly_seq.num 
_entity_poly_seq.mon_id 
_entity_poly_seq.hetero 
1 1  MPR n 
1 2  CYS n 
1 3  GLU n 
1 4  LEU n 
1 5  CYS n 
1 6  CYS n 
1 7  ASN n 
1 8  PRO n 
1 9  ALA n 
1 10 CYS n 
1 11 ALA n 
1 12 GLY n 
1 13 CYS n 
# 
_entity_src_gen.entity_id                          1 
_entity_src_gen.pdbx_src_id                        1 
_entity_src_gen.pdbx_alt_source_flag               sample 
_entity_src_gen.pdbx_seq_type                      ? 
_entity_src_gen.pdbx_beg_seq_num                   ? 
_entity_src_gen.pdbx_end_seq_num                   ? 
_entity_src_gen.gene_src_common_name               ? 
_entity_src_gen.gene_src_genus                     Escherichia 
_entity_src_gen.pdbx_gene_src_gene                 ? 
_entity_src_gen.gene_src_species                   ? 
_entity_src_gen.gene_src_strain                    18D 
_entity_src_gen.gene_src_tissue                    ? 
_entity_src_gen.gene_src_tissue_fraction           ? 
_entity_src_gen.gene_src_details                   ? 
_entity_src_gen.pdbx_gene_src_fragment             ? 
_entity_src_gen.pdbx_gene_src_scientific_name      'Escherichia coli' 
_entity_src_gen.pdbx_gene_src_ncbi_taxonomy_id     562 
_entity_src_gen.pdbx_gene_src_variant              ? 
_entity_src_gen.pdbx_gene_src_cell_line            ? 
_entity_src_gen.pdbx_gene_src_atcc                 ? 
_entity_src_gen.pdbx_gene_src_organ                ? 
_entity_src_gen.pdbx_gene_src_organelle            ? 
_entity_src_gen.pdbx_gene_src_cell                 ? 
_entity_src_gen.pdbx_gene_src_cellular_location    ? 
_entity_src_gen.host_org_common_name               ? 
_entity_src_gen.pdbx_host_org_scientific_name      ? 
_entity_src_gen.pdbx_host_org_ncbi_taxonomy_id     ? 
_entity_src_gen.host_org_genus                     ? 
_entity_src_gen.pdbx_host_org_gene                 ? 
_entity_src_gen.pdbx_host_org_organ                ? 
_entity_src_gen.host_org_species                   ? 
_entity_src_gen.pdbx_host_org_tissue               ? 
_entity_src_gen.pdbx_host_org_tissue_fraction      ? 
_entity_src_gen.pdbx_host_org_strain               ? 
_entity_src_gen.pdbx_host_org_variant              ? 
_entity_src_gen.pdbx_host_org_cell_line            ? 
_entity_src_gen.pdbx_host_org_atcc                 ? 
_entity_src_gen.pdbx_host_org_culture_collection   ? 
_entity_src_gen.pdbx_host_org_cell                 ? 
_entity_src_gen.pdbx_host_org_organelle            ? 
_entity_src_gen.pdbx_host_org_cellular_location    ? 
_entity_src_gen.pdbx_host_org_vector_type          ? 
_entity_src_gen.pdbx_host_org_vector               ? 
_entity_src_gen.host_org_details                   ? 
_entity_src_gen.expression_system_id               ? 
_entity_src_gen.plasmid_name                       ? 
_entity_src_gen.plasmid_details                    ? 
_entity_src_gen.pdbx_description                   ? 
# 
loop_
_chem_comp.id 
_chem_comp.type 
_chem_comp.mon_nstd_flag 
_chem_comp.name 
_chem_comp.pdbx_synonyms 
_chem_comp.formula 
_chem_comp.formula_weight 
ALA 'L-peptide linking' y ALANINE                       ? 'C3 H7 N O2'   89.093  
ASN 'L-peptide linking' y ASPARAGINE                    ? 'C4 H8 N2 O3'  132.118 
CYS 'L-peptide linking' y CYSTEINE                      ? 'C3 H7 N O2 S' 121.158 
GLU 'L-peptide linking' y 'GLUTAMIC ACID'               ? 'C5 H9 N O4'   147.129 
GLY 'peptide linking'   y GLYCINE                       ? 'C2 H5 N O2'   75.067  
HOH non-polymer         . WATER                         ? 'H2 O'         18.015  
LEU 'L-peptide linking' y LEUCINE                       ? 'C6 H13 N O2'  131.173 
MPR non-polymer         . '2-MERCAPTO-PROPION ALDEHYDE' ? 'C3 H6 O S'    90.144  
PRO 'L-peptide linking' y PROLINE                       ? 'C5 H9 N O2'   115.130 
# 
loop_
_pdbx_poly_seq_scheme.asym_id 
_pdbx_poly_seq_scheme.entity_id 
_pdbx_poly_seq_scheme.seq_id 
_pdbx_poly_seq_scheme.mon_id 
_pdbx_poly_seq_scheme.ndb_seq_num 
_pdbx_poly_seq_scheme.pdb_seq_num 
_pdbx_poly_seq_scheme.auth_seq_num 
_pdbx_poly_seq_scheme.pdb_mon_id 
_pdbx_poly_seq_scheme.auth_mon_id 
_pdbx_poly_seq_scheme.pdb_strand_id 
_pdbx_poly_seq_scheme.pdb_ins_code 
_pdbx_poly_seq_scheme.hetero 
A 1 1  MPR 1  5  5  MPR MPR A . n 
A 1 2  CYS 2  6  6  CYS CYS A . n 
A 1 3  GLU 3  7  7  GLU GLU A . n 
A 1 4  LEU 4  8  8  LEU LEU A . n 
A 1 5  CYS 5  9  9  CYS CYS A . n 
A 1 6  CYS 6  10 10 CYS CYS A . n 
A 1 7  ASN 7  11 11 ASN ASN A . n 
A 1 8  PRO 8  12 12 PRO PRO A . n 
A 1 9  ALA 9  13 13 ALA ALA A . n 
A 1 10 CYS 10 14 14 CYS CYS A . n 
A 1 11 ALA 11 15 15 ALA ALA A . n 
A 1 12 GLY 12 16 16 GLY GLY A . n 
A 1 13 CYS 13 17 17 CYS CYS A . n 
# 
loop_
_pdbx_nonpoly_scheme.asym_id 
_pdbx_nonpoly_scheme.entity_id 
_pdbx_nonpoly_scheme.mon_id 
_pdbx_nonpoly_scheme.ndb_seq_num 
_pdbx_nonpoly_scheme.pdb_seq_num 
_pdbx_nonpoly_scheme.auth_seq_num 
_pdbx_nonpoly_scheme.pdb_mon_id 
_pdbx_nonpoly_scheme.auth_mon_id 
_pdbx_nonpoly_scheme.pdb_strand_id 
_pdbx_nonpoly_scheme.pdb_ins_code 
B 2 HOH 1  18 1  HOH HOH A . 
B 2 HOH 2  19 2  HOH HOH A . 
B 2 HOH 3  20 3  HOH HOH A . 
B 2 HOH 4  21 4  HOH HOH A . 
B 2 HOH 5  22 5  HOH HOH A . 
B 2 HOH 6  23 6  HOH HOH A . 
B 2 HOH 7  24 7  HOH HOH A . 
B 2 HOH 8  25 8  HOH HOH A . 
B 2 HOH 9  26 9  HOH HOH A . 
B 2 HOH 10 27 10 HOH HOH A . 
B 2 HOH 11 28 11 HOH HOH A . 
B 2 HOH 12 29 12 HOH HOH A . 
B 2 HOH 13 30 13 HOH HOH A . 
# 
_software.name             FMLS/VP 
_software.classification   refinement 
_software.version          . 
_software.citation_id      ? 
_software.pdbx_ordinal     1 
# 
_cell.entry_id           1ETN 
_cell.length_a           21.010 
_cell.length_b           27.621 
_cell.length_c           12.781 
_cell.angle_alpha        90.00 
_cell.angle_beta         90.00 
_cell.angle_gamma        90.00 
_cell.Z_PDB              4 
_cell.pdbx_unique_axis   ? 
_cell.length_a_esd       ? 
_cell.length_b_esd       ? 
_cell.length_c_esd       ? 
_cell.angle_alpha_esd    ? 
_cell.angle_beta_esd     ? 
_cell.angle_gamma_esd    ? 
# 
_symmetry.entry_id                         1ETN 
_symmetry.space_group_name_H-M             'P 21 21 21' 
_symmetry.pdbx_full_space_group_name_H-M   ? 
_symmetry.cell_setting                     ? 
_symmetry.Int_Tables_number                19 
_symmetry.space_group_name_Hall            ? 
# 
_exptl.entry_id          1ETN 
_exptl.method            'X-RAY DIFFRACTION' 
_exptl.crystals_number   ? 
# 
_exptl_crystal.id                    1 
_exptl_crystal.density_meas          ? 
_exptl_crystal.density_Matthews      1.47 
_exptl_crystal.density_percent_sol   16.52 
_exptl_crystal.description           ? 
_exptl_crystal.F_000                 ? 
_exptl_crystal.preparation           ? 
# 
_diffrn.id                     1 
_diffrn.ambient_temp           ? 
_diffrn.ambient_temp_details   ? 
_diffrn.crystal_id             1 
# 
_diffrn_radiation.diffrn_id                        1 
_diffrn_radiation.wavelength_id                    1 
_diffrn_radiation.pdbx_monochromatic_or_laue_m_l   ? 
_diffrn_radiation.monochromator                    ? 
_diffrn_radiation.pdbx_diffrn_protocol             ? 
_diffrn_radiation.pdbx_scattering_type             x-ray 
# 
_diffrn_radiation_wavelength.id           1 
_diffrn_radiation_wavelength.wavelength   . 
_diffrn_radiation_wavelength.wt           1.0 
# 
_refine.entry_id                                 1ETN 
_refine.ls_number_reflns_obs                     6246 
_refine.ls_number_reflns_all                     ? 
_refine.pdbx_ls_sigma_I                          ? 
_refine.pdbx_ls_sigma_F                          3.0 
_refine.pdbx_data_cutoff_high_absF               ? 
_refine.pdbx_data_cutoff_low_absF                ? 
_refine.pdbx_data_cutoff_high_rms_absF           ? 
_refine.ls_d_res_low                             10.9 
_refine.ls_d_res_high                            0.89 
_refine.ls_percent_reflns_obs                    71.4 
_refine.ls_R_factor_obs                          ? 
_refine.ls_R_factor_all                          ? 
_refine.ls_R_factor_R_work                       0.088 
_refine.ls_R_factor_R_free                       ? 
_refine.ls_R_factor_R_free_error                 ? 
_refine.ls_R_factor_R_free_error_details         ? 
_refine.ls_percent_reflns_R_free                 ? 
_refine.ls_number_reflns_R_free                  ? 
_refine.ls_number_parameters                     ? 
_refine.ls_number_restraints                     ? 
_refine.occupancy_min                            ? 
_refine.occupancy_max                            ? 
_refine.B_iso_mean                               ? 
_refine.aniso_B[1][1]                            ? 
_refine.aniso_B[2][2]                            ? 
_refine.aniso_B[3][3]                            ? 
_refine.aniso_B[1][2]                            ? 
_refine.aniso_B[1][3]                            ? 
_refine.aniso_B[2][3]                            ? 
_refine.solvent_model_details                    ? 
_refine.solvent_model_param_ksol                 ? 
_refine.solvent_model_param_bsol                 ? 
_refine.pdbx_ls_cross_valid_method               ? 
_refine.details                                  ? 
_refine.pdbx_starting_model                      ? 
_refine.pdbx_method_to_determine_struct          ? 
_refine.pdbx_isotropic_thermal_model             ? 
_refine.pdbx_stereochemistry_target_values       ? 
_refine.pdbx_stereochem_target_val_spec_case     ? 
_refine.pdbx_R_Free_selection_details            ? 
_refine.pdbx_overall_ESU_R                       ? 
_refine.pdbx_overall_ESU_R_Free                  ? 
_refine.overall_SU_ML                            ? 
_refine.overall_SU_B                             ? 
_refine.pdbx_refine_id                           'X-RAY DIFFRACTION' 
_refine.ls_redundancy_reflns_obs                 ? 
_refine.pdbx_overall_phase_error                 ? 
_refine.B_iso_min                                ? 
_refine.B_iso_max                                ? 
_refine.correlation_coeff_Fo_to_Fc               ? 
_refine.correlation_coeff_Fo_to_Fc_free          ? 
_refine.pdbx_solvent_vdw_probe_radii             ? 
_refine.pdbx_solvent_ion_probe_radii             ? 
_refine.pdbx_solvent_shrinkage_radii             ? 
_refine.overall_SU_R_Cruickshank_DPI             ? 
_refine.overall_SU_R_free                        ? 
_refine.ls_wR_factor_R_free                      ? 
_refine.ls_wR_factor_R_work                      ? 
_refine.overall_FOM_free_R_set                   ? 
_refine.overall_FOM_work_R_set                   ? 
_refine.pdbx_diffrn_id                           1 
_refine.pdbx_TLS_residual_ADP_flag               ? 
_refine.pdbx_overall_SU_R_free_Cruickshank_DPI   ? 
_refine.pdbx_overall_SU_R_Blow_DPI               ? 
_refine.pdbx_overall_SU_R_free_Blow_DPI          ? 
# 
_refine_hist.pdbx_refine_id                   'X-RAY DIFFRACTION' 
_refine_hist.cycle_id                         LAST 
_refine_hist.pdbx_number_atoms_protein        82 
_refine_hist.pdbx_number_atoms_nucleic_acid   0 
_refine_hist.pdbx_number_atoms_ligand         0 
_refine_hist.number_atoms_solvent             13 
_refine_hist.number_atoms_total               95 
_refine_hist.d_res_high                       0.89 
_refine_hist.d_res_low                        10.9 
# 
_struct.entry_id                  1ETN 
_struct.title                     
'MOLECULAR STRUCTURE OF THE TOXIC DOMAIN OF HEAT-STABLE ENTEROTOXIN PRODUCED BY A PATHOGENIC STRAIN OF ESCHERICHIA COLI' 
_struct.pdbx_model_details        ? 
_struct.pdbx_CASP_flag            ? 
_struct.pdbx_model_type_details   ? 
# 
_struct_keywords.entry_id        1ETN 
_struct_keywords.pdbx_keywords   ENTEROTOXIN 
_struct_keywords.text            ENTEROTOXIN 
# 
loop_
_struct_asym.id 
_struct_asym.pdbx_blank_PDB_chainid_flag 
_struct_asym.pdbx_modified 
_struct_asym.entity_id 
_struct_asym.details 
A N N 1 ? 
B N N 2 ? 
# 
_struct_ref.id                         1 
_struct_ref.db_name                    UNP 
_struct_ref.db_code                    HST1_ECOLI 
_struct_ref.entity_id                  1 
_struct_ref.pdbx_db_accession          P01559 
_struct_ref.pdbx_align_begin           1 
_struct_ref.pdbx_seq_one_letter_code   MKKLMLAIFISVLSFPSFSQSTESLDSSKEKITLETKKCDVVKNNSEKKSENMNNTFYCCELCCNPACAGCY 
_struct_ref.pdbx_db_isoform            ? 
# 
_struct_ref_seq.align_id                      1 
_struct_ref_seq.ref_id                        1 
_struct_ref_seq.pdbx_PDB_id_code              1ETN 
_struct_ref_seq.pdbx_strand_id                A 
_struct_ref_seq.seq_align_beg                 2 
_struct_ref_seq.pdbx_seq_align_beg_ins_code   ? 
_struct_ref_seq.seq_align_end                 13 
_struct_ref_seq.pdbx_seq_align_end_ins_code   ? 
_struct_ref_seq.pdbx_db_accession             P01559 
_struct_ref_seq.db_align_beg                  60 
_struct_ref_seq.pdbx_db_align_beg_ins_code    ? 
_struct_ref_seq.db_align_end                  71 
_struct_ref_seq.pdbx_db_align_end_ins_code    ? 
_struct_ref_seq.pdbx_auth_seq_align_beg       6 
_struct_ref_seq.pdbx_auth_seq_align_end       17 
# 
_pdbx_struct_assembly.id                   1 
_pdbx_struct_assembly.details              author_defined_assembly 
_pdbx_struct_assembly.method_details       ? 
_pdbx_struct_assembly.oligomeric_details   monomeric 
_pdbx_struct_assembly.oligomeric_count     1 
# 
_pdbx_struct_assembly_gen.assembly_id       1 
_pdbx_struct_assembly_gen.oper_expression   1 
_pdbx_struct_assembly_gen.asym_id_list      A,B 
# 
_pdbx_struct_oper_list.id                   1 
_pdbx_struct_oper_list.type                 'identity operation' 
_pdbx_struct_oper_list.name                 1_555 
_pdbx_struct_oper_list.symmetry_operation   x,y,z 
_pdbx_struct_oper_list.matrix[1][1]         1.0000000000 
_pdbx_struct_oper_list.matrix[1][2]         0.0000000000 
_pdbx_struct_oper_list.matrix[1][3]         0.0000000000 
_pdbx_struct_oper_list.vector[1]            0.0000000000 
_pdbx_struct_oper_list.matrix[2][1]         0.0000000000 
_pdbx_struct_oper_list.matrix[2][2]         1.0000000000 
_pdbx_struct_oper_list.matrix[2][3]         0.0000000000 
_pdbx_struct_oper_list.vector[2]            0.0000000000 
_pdbx_struct_oper_list.matrix[3][1]         0.0000000000 
_pdbx_struct_oper_list.matrix[3][2]         0.0000000000 
_pdbx_struct_oper_list.matrix[3][3]         1.0000000000 
_pdbx_struct_oper_list.vector[3]            0.0000000000 
# 
_struct_biol.id        1 
_struct_biol.details   ? 
# 
_struct_conf.conf_type_id            HELX_P 
_struct_conf.id                      HELX_P1 
_struct_conf.pdbx_PDB_helix_id       H1 
_struct_conf.beg_label_comp_id       MPR 
_struct_conf.beg_label_asym_id       A 
_struct_conf.beg_label_seq_id        1 
_struct_conf.pdbx_beg_PDB_ins_code   ? 
_struct_conf.end_label_comp_id       CYS 
_struct_conf.end_label_asym_id       A 
_struct_conf.end_label_seq_id        5 
_struct_conf.pdbx_end_PDB_ins_code   ? 
_struct_conf.beg_auth_comp_id        MPR 
_struct_conf.beg_auth_asym_id        A 
_struct_conf.beg_auth_seq_id         5 
_struct_conf.end_auth_comp_id        CYS 
_struct_conf.end_auth_asym_id        A 
_struct_conf.end_auth_seq_id         9 
_struct_conf.pdbx_PDB_helix_class    5 
_struct_conf.details                 'N-TERMINAL SEGMENT' 
_struct_conf.pdbx_PDB_helix_length   5 
# 
_struct_conf_type.id          HELX_P 
_struct_conf_type.criteria    ? 
_struct_conf_type.reference   ? 
# 
loop_
_struct_conn.id 
_struct_conn.conn_type_id 
_struct_conn.pdbx_leaving_atom_flag 
_struct_conn.pdbx_PDB_id 
_struct_conn.ptnr1_label_asym_id 
_struct_conn.ptnr1_label_comp_id 
_struct_conn.ptnr1_label_seq_id 
_struct_conn.ptnr1_label_atom_id 
_struct_conn.pdbx_ptnr1_label_alt_id 
_struct_conn.pdbx_ptnr1_PDB_ins_code 
_struct_conn.pdbx_ptnr1_standard_comp_id 
_struct_conn.ptnr1_symmetry 
_struct_conn.ptnr2_label_asym_id 
_struct_conn.ptnr2_label_comp_id 
_struct_conn.ptnr2_label_seq_id 
_struct_conn.ptnr2_label_atom_id 
_struct_conn.pdbx_ptnr2_label_alt_id 
_struct_conn.pdbx_ptnr2_PDB_ins_code 
_struct_conn.ptnr1_auth_asym_id 
_struct_conn.ptnr1_auth_comp_id 
_struct_conn.ptnr1_auth_seq_id 
_struct_conn.ptnr2_auth_asym_id 
_struct_conn.ptnr2_auth_comp_id 
_struct_conn.ptnr2_auth_seq_id 
_struct_conn.ptnr2_symmetry 
_struct_conn.pdbx_ptnr3_label_atom_id 
_struct_conn.pdbx_ptnr3_label_seq_id 
_struct_conn.pdbx_ptnr3_label_comp_id 
_struct_conn.pdbx_ptnr3_label_asym_id 
_struct_conn.pdbx_ptnr3_label_alt_id 
_struct_conn.pdbx_ptnr3_PDB_ins_code 
_struct_conn.details 
_struct_conn.pdbx_dist_value 
_struct_conn.pdbx_value_order 
_struct_conn.pdbx_role 
disulf1 disulf ?    ? A CYS 2 SG ? ? ? 1_555 A CYS 10 SG ? ? A CYS 6 A CYS 14 1_555 ? ? ? ? ? ? ? 2.032 ? ? 
disulf2 disulf ?    ? A CYS 5 SG ? ? ? 1_555 A CYS 13 SG ? ? A CYS 9 A CYS 17 1_555 ? ? ? ? ? ? ? 2.019 ? ? 
covale1 covale both ? A MPR 1 C1 ? ? ? 1_555 A CYS 2  N  ? ? A MPR 5 A CYS 6  1_555 ? ? ? ? ? ? ? 1.349 ? ? 
covale2 covale one  ? A MPR 1 S3 ? ? ? 1_555 A CYS 6  SG ? ? A MPR 5 A CYS 10 1_555 ? ? ? ? ? ? ? 2.028 ? ? 
# 
loop_
_struct_conn_type.id 
_struct_conn_type.criteria 
_struct_conn_type.reference 
disulf ? ? 
covale ? ? 
# 
loop_
_struct_site.id 
_struct_site.pdbx_evidence_code 
_struct_site.pdbx_auth_asym_id 
_struct_site.pdbx_auth_comp_id 
_struct_site.pdbx_auth_seq_id 
_struct_site.pdbx_auth_ins_code 
_struct_site.pdbx_num_residues 
_struct_site.details 
S1 Author ? ? ? ? 3 'THE RECEPTOR BINDING SITE DEDUCED FROM CHEMICAL MUTATION STUDY'                                 
S2 Author ? ? ? ? 6 'PUTATIVE CATION BINDING SITE SUGGESTED FROM CONFORMATIONAL SIMILARITIES TO IONOPHORE PEPTIDES.' 
# 
loop_
_struct_site_gen.id 
_struct_site_gen.site_id 
_struct_site_gen.pdbx_num_res 
_struct_site_gen.label_comp_id 
_struct_site_gen.label_asym_id 
_struct_site_gen.label_seq_id 
_struct_site_gen.pdbx_auth_ins_code 
_struct_site_gen.auth_comp_id 
_struct_site_gen.auth_asym_id 
_struct_site_gen.auth_seq_id 
_struct_site_gen.label_atom_id 
_struct_site_gen.label_alt_id 
_struct_site_gen.symmetry 
_struct_site_gen.details 
1 S1 3 ASN A 7  ? ASN A 11 . ? 1_555 ? 
2 S1 3 PRO A 8  ? PRO A 12 . ? 1_555 ? 
3 S1 3 ALA A 9  ? ALA A 13 . ? 1_555 ? 
4 S2 6 PRO A 8  ? PRO A 12 . ? 1_555 ? 
5 S2 6 ALA A 9  ? ALA A 13 . ? 1_555 ? 
6 S2 6 CYS A 10 ? CYS A 14 . ? 1_555 ? 
7 S2 6 ALA A 11 ? ALA A 15 . ? 1_555 ? 
8 S2 6 GLY A 12 ? GLY A 16 . ? 1_555 ? 
9 S2 6 CYS A 13 ? CYS A 17 . ? 1_555 ? 
# 
_pdbx_entry_details.entry_id                   1ETN 
_pdbx_entry_details.compound_details           ? 
_pdbx_entry_details.source_details             ? 
_pdbx_entry_details.nonpolymer_details         ? 
_pdbx_entry_details.sequence_details           
;THE SEQUENCE IS BASED ON SEQUENCE FROM ENTEROTOXIGENIC
(ESCHERICHIA COLI STRAIN 18D).  THE THIRTEEN RESIDUE
PEPTIDE CORRESPONDS TO RESIDUES FROM 5 TO 17.
;
_pdbx_entry_details.has_ligand_of_interest     ? 
_pdbx_entry_details.has_protein_modification   Y 
# 
_pdbx_validate_rmsd_bond.id                        1 
_pdbx_validate_rmsd_bond.PDB_model_num             1 
_pdbx_validate_rmsd_bond.auth_atom_id_1            CD 
_pdbx_validate_rmsd_bond.auth_asym_id_1            A 
_pdbx_validate_rmsd_bond.auth_comp_id_1            GLU 
_pdbx_validate_rmsd_bond.auth_seq_id_1             7 
_pdbx_validate_rmsd_bond.PDB_ins_code_1            ? 
_pdbx_validate_rmsd_bond.label_alt_id_1            ? 
_pdbx_validate_rmsd_bond.auth_atom_id_2            OE2 
_pdbx_validate_rmsd_bond.auth_asym_id_2            A 
_pdbx_validate_rmsd_bond.auth_comp_id_2            GLU 
_pdbx_validate_rmsd_bond.auth_seq_id_2             7 
_pdbx_validate_rmsd_bond.PDB_ins_code_2            ? 
_pdbx_validate_rmsd_bond.label_alt_id_2            ? 
_pdbx_validate_rmsd_bond.bond_value                1.182 
_pdbx_validate_rmsd_bond.bond_target_value         1.252 
_pdbx_validate_rmsd_bond.bond_deviation            -0.070 
_pdbx_validate_rmsd_bond.bond_standard_deviation   0.011 
_pdbx_validate_rmsd_bond.linker_flag               N 
# 
loop_
_chem_comp_atom.comp_id 
_chem_comp_atom.atom_id 
_chem_comp_atom.type_symbol 
_chem_comp_atom.pdbx_aromatic_flag 
_chem_comp_atom.pdbx_stereo_config 
_chem_comp_atom.pdbx_ordinal 
ALA N    N N N 1   
ALA CA   C N S 2   
ALA C    C N N 3   
ALA O    O N N 4   
ALA CB   C N N 5   
ALA OXT  O N N 6   
ALA H    H N N 7   
ALA H2   H N N 8   
ALA HA   H N N 9   
ALA HB1  H N N 10  
ALA HB2  H N N 11  
ALA HB3  H N N 12  
ALA HXT  H N N 13  
ASN N    N N N 14  
ASN CA   C N S 15  
ASN C    C N N 16  
ASN O    O N N 17  
ASN CB   C N N 18  
ASN CG   C N N 19  
ASN OD1  O N N 20  
ASN ND2  N N N 21  
ASN OXT  O N N 22  
ASN H    H N N 23  
ASN H2   H N N 24  
ASN HA   H N N 25  
ASN HB2  H N N 26  
ASN HB3  H N N 27  
ASN HD21 H N N 28  
ASN HD22 H N N 29  
ASN HXT  H N N 30  
CYS N    N N N 31  
CYS CA   C N R 32  
CYS C    C N N 33  
CYS O    O N N 34  
CYS CB   C N N 35  
CYS SG   S N N 36  
CYS OXT  O N N 37  
CYS H    H N N 38  
CYS H2   H N N 39  
CYS HA   H N N 40  
CYS HB2  H N N 41  
CYS HB3  H N N 42  
CYS HG   H N N 43  
CYS HXT  H N N 44  
GLU N    N N N 45  
GLU CA   C N S 46  
GLU C    C N N 47  
GLU O    O N N 48  
GLU CB   C N N 49  
GLU CG   C N N 50  
GLU CD   C N N 51  
GLU OE1  O N N 52  
GLU OE2  O N N 53  
GLU OXT  O N N 54  
GLU H    H N N 55  
GLU H2   H N N 56  
GLU HA   H N N 57  
GLU HB2  H N N 58  
GLU HB3  H N N 59  
GLU HG2  H N N 60  
GLU HG3  H N N 61  
GLU HE2  H N N 62  
GLU HXT  H N N 63  
GLY N    N N N 64  
GLY CA   C N N 65  
GLY C    C N N 66  
GLY O    O N N 67  
GLY OXT  O N N 68  
GLY H    H N N 69  
GLY H2   H N N 70  
GLY HA2  H N N 71  
GLY HA3  H N N 72  
GLY HXT  H N N 73  
HOH O    O N N 74  
HOH H1   H N N 75  
HOH H2   H N N 76  
LEU N    N N N 77  
LEU CA   C N S 78  
LEU C    C N N 79  
LEU O    O N N 80  
LEU CB   C N N 81  
LEU CG   C N N 82  
LEU CD1  C N N 83  
LEU CD2  C N N 84  
LEU OXT  O N N 85  
LEU H    H N N 86  
LEU H2   H N N 87  
LEU HA   H N N 88  
LEU HB2  H N N 89  
LEU HB3  H N N 90  
LEU HG   H N N 91  
LEU HD11 H N N 92  
LEU HD12 H N N 93  
LEU HD13 H N N 94  
LEU HD21 H N N 95  
LEU HD22 H N N 96  
LEU HD23 H N N 97  
LEU HXT  H N N 98  
MPR C1   C N N 99  
MPR O    O N N 100 
MPR C2   C N N 101 
MPR C3   C N N 102 
MPR S3   S N N 103 
MPR H1   H N N 104 
MPR H21  H N N 105 
MPR H22  H N N 106 
MPR H31  H N N 107 
MPR H32  H N N 108 
MPR HS3  H N N 109 
PRO N    N N N 110 
PRO CA   C N S 111 
PRO C    C N N 112 
PRO O    O N N 113 
PRO CB   C N N 114 
PRO CG   C N N 115 
PRO CD   C N N 116 
PRO OXT  O N N 117 
PRO H    H N N 118 
PRO HA   H N N 119 
PRO HB2  H N N 120 
PRO HB3  H N N 121 
PRO HG2  H N N 122 
PRO HG3  H N N 123 
PRO HD2  H N N 124 
PRO HD3  H N N 125 
PRO HXT  H N N 126 
# 
loop_
_chem_comp_bond.comp_id 
_chem_comp_bond.atom_id_1 
_chem_comp_bond.atom_id_2 
_chem_comp_bond.value_order 
_chem_comp_bond.pdbx_aromatic_flag 
_chem_comp_bond.pdbx_stereo_config 
_chem_comp_bond.pdbx_ordinal 
ALA N   CA   sing N N 1   
ALA N   H    sing N N 2   
ALA N   H2   sing N N 3   
ALA CA  C    sing N N 4   
ALA CA  CB   sing N N 5   
ALA CA  HA   sing N N 6   
ALA C   O    doub N N 7   
ALA C   OXT  sing N N 8   
ALA CB  HB1  sing N N 9   
ALA CB  HB2  sing N N 10  
ALA CB  HB3  sing N N 11  
ALA OXT HXT  sing N N 12  
ASN N   CA   sing N N 13  
ASN N   H    sing N N 14  
ASN N   H2   sing N N 15  
ASN CA  C    sing N N 16  
ASN CA  CB   sing N N 17  
ASN CA  HA   sing N N 18  
ASN C   O    doub N N 19  
ASN C   OXT  sing N N 20  
ASN CB  CG   sing N N 21  
ASN CB  HB2  sing N N 22  
ASN CB  HB3  sing N N 23  
ASN CG  OD1  doub N N 24  
ASN CG  ND2  sing N N 25  
ASN ND2 HD21 sing N N 26  
ASN ND2 HD22 sing N N 27  
ASN OXT HXT  sing N N 28  
CYS N   CA   sing N N 29  
CYS N   H    sing N N 30  
CYS N   H2   sing N N 31  
CYS CA  C    sing N N 32  
CYS CA  CB   sing N N 33  
CYS CA  HA   sing N N 34  
CYS C   O    doub N N 35  
CYS C   OXT  sing N N 36  
CYS CB  SG   sing N N 37  
CYS CB  HB2  sing N N 38  
CYS CB  HB3  sing N N 39  
CYS SG  HG   sing N N 40  
CYS OXT HXT  sing N N 41  
GLU N   CA   sing N N 42  
GLU N   H    sing N N 43  
GLU N   H2   sing N N 44  
GLU CA  C    sing N N 45  
GLU CA  CB   sing N N 46  
GLU CA  HA   sing N N 47  
GLU C   O    doub N N 48  
GLU C   OXT  sing N N 49  
GLU CB  CG   sing N N 50  
GLU CB  HB2  sing N N 51  
GLU CB  HB3  sing N N 52  
GLU CG  CD   sing N N 53  
GLU CG  HG2  sing N N 54  
GLU CG  HG3  sing N N 55  
GLU CD  OE1  doub N N 56  
GLU CD  OE2  sing N N 57  
GLU OE2 HE2  sing N N 58  
GLU OXT HXT  sing N N 59  
GLY N   CA   sing N N 60  
GLY N   H    sing N N 61  
GLY N   H2   sing N N 62  
GLY CA  C    sing N N 63  
GLY CA  HA2  sing N N 64  
GLY CA  HA3  sing N N 65  
GLY C   O    doub N N 66  
GLY C   OXT  sing N N 67  
GLY OXT HXT  sing N N 68  
HOH O   H1   sing N N 69  
HOH O   H2   sing N N 70  
LEU N   CA   sing N N 71  
LEU N   H    sing N N 72  
LEU N   H2   sing N N 73  
LEU CA  C    sing N N 74  
LEU CA  CB   sing N N 75  
LEU CA  HA   sing N N 76  
LEU C   O    doub N N 77  
LEU C   OXT  sing N N 78  
LEU CB  CG   sing N N 79  
LEU CB  HB2  sing N N 80  
LEU CB  HB3  sing N N 81  
LEU CG  CD1  sing N N 82  
LEU CG  CD2  sing N N 83  
LEU CG  HG   sing N N 84  
LEU CD1 HD11 sing N N 85  
LEU CD1 HD12 sing N N 86  
LEU CD1 HD13 sing N N 87  
LEU CD2 HD21 sing N N 88  
LEU CD2 HD22 sing N N 89  
LEU CD2 HD23 sing N N 90  
LEU OXT HXT  sing N N 91  
MPR C1  O    doub N N 92  
MPR C1  C2   sing N N 93  
MPR C1  H1   sing N N 94  
MPR C2  C3   sing N N 95  
MPR C2  H21  sing N N 96  
MPR C2  H22  sing N N 97  
MPR C3  S3   sing N N 98  
MPR C3  H31  sing N N 99  
MPR C3  H32  sing N N 100 
MPR S3  HS3  sing N N 101 
PRO N   CA   sing N N 102 
PRO N   CD   sing N N 103 
PRO N   H    sing N N 104 
PRO CA  C    sing N N 105 
PRO CA  CB   sing N N 106 
PRO CA  HA   sing N N 107 
PRO C   O    doub N N 108 
PRO C   OXT  sing N N 109 
PRO CB  CG   sing N N 110 
PRO CB  HB2  sing N N 111 
PRO CB  HB3  sing N N 112 
PRO CG  CD   sing N N 113 
PRO CG  HG2  sing N N 114 
PRO CG  HG3  sing N N 115 
PRO CD  HD2  sing N N 116 
PRO CD  HD3  sing N N 117 
PRO OXT HXT  sing N N 118 
# 
_atom_sites.entry_id                    1ETN 
_atom_sites.fract_transf_matrix[1][1]   0.01341572 
_atom_sites.fract_transf_matrix[1][2]   -0.02418839 
_atom_sites.fract_transf_matrix[1][3]   0.03873396 
_atom_sites.fract_transf_matrix[2][1]   -0.00902653 
_atom_sites.fract_transf_matrix[2][2]   -0.03105783 
_atom_sites.fract_transf_matrix[2][3]   -0.01626845 
_atom_sites.fract_transf_matrix[3][1]   0.07248972 
_atom_sites.fract_transf_matrix[3][2]   -0.00596537 
_atom_sites.fract_transf_matrix[3][3]   -0.02883244 
_atom_sites.fract_transf_vector[1]      0.213730 
_atom_sites.fract_transf_vector[2]      0.229129 
_atom_sites.fract_transf_vector[3]      0.314757 
# 
loop_
_atom_type.symbol 
C 
H 
N 
O 
S 
# 
loop_
_atom_site.group_PDB 
_atom_site.id 
_atom_site.type_symbol 
_atom_site.label_atom_id 
_atom_site.label_alt_id 
_atom_site.label_comp_id 
_atom_site.label_asym_id 
_atom_site.label_entity_id 
_atom_site.label_seq_id 
_atom_site.pdbx_PDB_ins_code 
_atom_site.Cartn_x 
_atom_site.Cartn_y 
_atom_site.Cartn_z 
_atom_site.occupancy 
_atom_site.B_iso_or_equiv 
_atom_site.Cartn_x_esd 
_atom_site.Cartn_y_esd 
_atom_site.Cartn_z_esd 
_atom_site.occupancy_esd 
_atom_site.B_iso_or_equiv_esd 
_atom_site.pdbx_formal_charge 
_atom_site.auth_seq_id 
_atom_site.auth_comp_id 
_atom_site.auth_asym_id 
_atom_site.auth_atom_id 
_atom_site.pdbx_PDB_model_num 
HETATM 1   C C1   . MPR A 1 1  ? -3.527 1.915  4.034  1.00 0.04 0.012 0.010 0.013 0.00 0.00 ? 5  MPR A C1   1 
HETATM 2   O O    . MPR A 1 1  ? -2.358 1.681  4.311  1.00 0.05 0.008 0.008 0.009 0.00 0.00 ? 5  MPR A O    1 
HETATM 3   C C2   . MPR A 1 1  ? -4.592 2.097  5.049  1.00 0.05 0.012 0.014 0.014 0.00 0.00 ? 5  MPR A C2   1 
HETATM 4   C C3   . MPR A 1 1  ? -4.571 1.038  6.207  1.00 0.07 0.015 0.016 0.018 0.00 0.00 ? 5  MPR A C3   1 
HETATM 5   S S3   . MPR A 1 1  ? -5.221 -0.570 5.674  1.00 0.09 0.005 0.005 0.004 0.00 0.00 ? 5  MPR A S3   1 
HETATM 6   H H21  . MPR A 1 1  ? -5.560 2.058  4.569  1.00 0.05 0.149 0.148 0.162 0.00 0.05 ? 5  MPR A H21  1 
HETATM 7   H H22  . MPR A 1 1  ? -4.483 3.093  5.495  1.00 0.05 0.137 0.151 0.148 0.00 0.04 ? 5  MPR A H22  1 
HETATM 8   H H31  . MPR A 1 1  ? -3.547 0.918  6.560  1.00 0.07 0.169 0.159 0.179 0.00 0.05 ? 5  MPR A H31  1 
HETATM 9   H H32  . MPR A 1 1  ? -5.162 1.399  7.047  1.00 0.06 0.164 0.159 0.176 0.00 0.05 ? 5  MPR A H32  1 
ATOM   10  N N    . CYS A 1 2  ? -3.883 2.177  2.759  1.00 0.05 0.010 0.010 0.010 0.00 0.00 ? 6  CYS A N    1 
ATOM   11  C CA   . CYS A 1 2  ? -2.887 2.228  1.717  1.00 0.05 0.012 0.011 0.014 0.00 0.00 ? 6  CYS A CA   1 
ATOM   12  C C    . CYS A 1 2  ? -1.861 3.260  1.925  1.00 0.05 0.011 0.012 0.014 0.00 0.00 ? 6  CYS A C    1 
ATOM   13  O O    . CYS A 1 2  ? -0.693 3.070  1.486  1.00 0.06 0.009 0.009 0.010 0.00 0.00 ? 6  CYS A O    1 
ATOM   14  C CB   . CYS A 1 2  ? -3.585 2.435  0.360  1.00 0.06 0.014 0.013 0.017 0.00 0.00 ? 6  CYS A CB   1 
ATOM   15  S SG   . CYS A 1 2  ? -4.289 0.921  -0.391 1.00 0.08 0.004 0.004 0.004 0.00 0.00 ? 6  CYS A SG   1 
ATOM   16  H H    . CYS A 1 2  ? -4.832 2.367  2.528  1.00 0.05 0.151 0.137 0.156 0.00 0.04 ? 6  CYS A H    1 
ATOM   17  H HA   . CYS A 1 2  ? -2.368 1.276  1.741  1.00 0.04 0.133 0.135 0.143 0.00 0.04 ? 6  CYS A HA   1 
ATOM   18  H HB2  . CYS A 1 2  ? -4.379 3.160  0.489  1.00 0.05 0.150 0.145 0.174 0.00 0.05 ? 6  CYS A HB2  1 
ATOM   19  H HB3  . CYS A 1 2  ? -2.853 2.850  -0.331 1.00 0.05 0.153 0.138 0.159 0.00 0.04 ? 6  CYS A HB3  1 
ATOM   20  N N    . GLU A 1 3  ? -2.157 4.381  2.584  1.00 0.05 0.010 0.009 0.012 0.00 0.00 ? 7  GLU A N    1 
ATOM   21  C CA   . GLU A 1 3  ? -1.133 5.328  2.922  1.00 0.06 0.015 0.012 0.015 0.00 0.00 ? 7  GLU A CA   1 
ATOM   22  C C    . GLU A 1 3  ? -0.043 4.803  3.843  1.00 0.06 0.015 0.011 0.015 0.00 0.00 ? 7  GLU A C    1 
ATOM   23  O O    . GLU A 1 3  ? 0.990  5.391  3.980  1.00 0.08 0.011 0.010 0.013 0.00 0.00 ? 7  GLU A O    1 
ATOM   24  C CB   . GLU A 1 3  ? -1.833 6.574  3.620  1.00 0.08 0.019 0.015 0.020 0.00 0.00 ? 7  GLU A CB   1 
ATOM   25  C CG   . GLU A 1 3  ? -2.826 7.315  2.634  1.00 0.09 0.020 0.023 0.022 0.00 0.00 ? 7  GLU A CG   1 
ATOM   26  C CD   . GLU A 1 3  ? -2.051 8.233  1.744  1.00 0.11 0.024 0.024 0.026 0.00 0.00 ? 7  GLU A CD   1 
ATOM   27  O OE1  . GLU A 1 3  ? -1.488 9.234  2.162  1.00 0.14 0.014 0.017 0.019 0.00 0.00 ? 7  GLU A OE1  1 
ATOM   28  O OE2  . GLU A 1 3  ? -1.946 7.967  0.597  1.00 0.23 0.028 0.020 0.030 0.00 0.00 ? 7  GLU A OE2  1 
ATOM   29  H H    . GLU A 1 3  ? -3.114 4.579  2.840  1.00 0.04 0.144 0.141 0.161 0.00 0.04 ? 7  GLU A H    1 
ATOM   30  H HA   . GLU A 1 3  ? -0.629 5.563  1.994  1.00 0.05 0.151 0.146 0.159 0.00 0.05 ? 7  GLU A HA   1 
ATOM   31  H HB2  . GLU A 1 3  ? -2.382 6.224  4.497  1.00 0.07 0.178 0.160 0.191 0.00 0.05 ? 7  GLU A HB2  1 
ATOM   32  H HB3  . GLU A 1 3  ? -1.076 7.259  3.974  1.00 0.07 0.155 0.172 0.175 0.00 0.05 ? 7  GLU A HB3  1 
ATOM   33  H HG2  . GLU A 1 3  ? -3.355 6.585  2.015  1.00 0.09 0.189 0.209 0.207 0.00 0.07 ? 7  GLU A HG2  1 
ATOM   34  H HG3  . GLU A 1 3  ? -3.574 7.885  3.184  1.00 0.09 0.203 0.198 0.219 0.00 0.07 ? 7  GLU A HG3  1 
ATOM   35  N N    . LEU A 1 4  ? -0.365 3.708  4.509  1.00 0.05 0.011 0.010 0.012 0.00 0.00 ? 8  LEU A N    1 
ATOM   36  C CA   . LEU A 1 4  ? 0.462  3.006  5.440  1.00 0.05 0.013 0.013 0.013 0.00 0.00 ? 8  LEU A CA   1 
ATOM   37  C C    . LEU A 1 4  ? 1.019  1.711  4.812  1.00 0.05 0.013 0.012 0.014 0.00 0.00 ? 8  LEU A C    1 
ATOM   38  O O    . LEU A 1 4  ? 1.591  0.861  5.481  1.00 0.07 0.009 0.009 0.011 0.00 0.00 ? 8  LEU A O    1 
ATOM   39  C CB   . LEU A 1 4  ? -0.264 2.649  6.760  1.00 0.07 0.019 0.017 0.018 0.00 0.00 ? 8  LEU A CB   1 
ATOM   40  C CG   . LEU A 1 4  ? -0.987 3.817  7.456  1.00 0.12 0.028 0.021 0.027 0.00 0.00 ? 8  LEU A CG   1 
ATOM   41  C CD1  . LEU A 1 4  ? -1.815 3.388  8.622  1.00 0.14 0.035 0.033 0.040 0.00 0.00 ? 8  LEU A CD1  1 
ATOM   42  C CD2  . LEU A 1 4  ? -0.166 4.868  7.809  1.00 0.21 0.075 0.029 0.042 0.00 0.00 ? 8  LEU A CD2  1 
ATOM   43  H H    . LEU A 1 4  ? -1.285 3.340  4.354  1.00 0.04 0.137 0.142 0.151 0.00 0.04 ? 8  LEU A H    1 
ATOM   44  H HA   . LEU A 1 4  ? 1.268  3.674  5.701  1.00 0.05 0.145 0.138 0.152 0.00 0.04 ? 8  LEU A HA   1 
ATOM   45  H HB2  . LEU A 1 4  ? -0.982 1.849  6.553  1.00 0.06 0.148 0.160 0.170 0.00 0.05 ? 8  LEU A HB2  1 
ATOM   46  H HB3  . LEU A 1 4  ? 0.460  2.244  7.469  1.00 0.06 0.168 0.155 0.171 0.00 0.05 ? 8  LEU A HB3  1 
ATOM   47  H HG   . LEU A 1 4  ? -1.682 4.219  6.692  1.00 0.12 0.268 0.235 0.263 0.00 0.10 ? 8  LEU A HG   1 
ATOM   48  H HD11 . LEU A 1 4  ? -1.278 2.557  9.059  1.00 0.13 0.266 0.240 0.267 0.00 0.10 ? 8  LEU A HD11 1 
ATOM   49  H HD12 . LEU A 1 4  ? -2.399 3.955  9.334  1.00 0.13 0.240 0.258 0.277 0.00 0.09 ? 8  LEU A HD12 1 
ATOM   50  H HD13 . LEU A 1 4  ? -2.771 3.060  8.278  1.00 0.13 0.272 0.277 0.282 0.00 0.13 ? 8  LEU A HD13 1 
ATOM   51  H HD21 . LEU A 1 4  ? 0.663  4.421  8.310  1.00 0.14 0.293 0.324 0.320 0.00 0.17 ? 8  LEU A HD21 1 
ATOM   52  H HD22 . LEU A 1 4  ? 0.188  5.455  6.957  1.00 0.13 0.270 0.258 0.302 0.00 0.11 ? 8  LEU A HD22 1 
ATOM   53  H HD23 . LEU A 1 4  ? -0.653 5.553  8.498  1.00 0.13 0.228 0.232 0.259 0.00 0.08 ? 8  LEU A HD23 1 
ATOM   54  N N    . CYS A 1 5  ? 0.792  1.502  3.523  1.00 0.04 0.010 0.009 0.010 0.00 0.00 ? 9  CYS A N    1 
ATOM   55  C CA   . CYS A 1 5  ? 1.126  0.258  2.785  1.00 0.05 0.012 0.012 0.013 0.00 0.00 ? 9  CYS A CA   1 
ATOM   56  C C    . CYS A 1 5  ? 0.623  -0.964 3.492  1.00 0.05 0.012 0.013 0.013 0.00 0.00 ? 9  CYS A C    1 
ATOM   57  O O    . CYS A 1 5  ? 1.228  -1.986 3.564  1.00 0.07 0.009 0.010 0.010 0.00 0.00 ? 9  CYS A O    1 
ATOM   58  C CB   . CYS A 1 5  ? 2.627  0.103  2.539  1.00 0.06 0.015 0.015 0.015 0.00 0.00 ? 9  CYS A CB   1 
ATOM   59  S SG   . CYS A 1 5  ? 3.239  1.222  1.215  1.00 0.06 0.004 0.004 0.004 0.00 0.00 ? 9  CYS A SG   1 
ATOM   60  H H    . CYS A 1 5  ? 0.297  2.035  2.840  1.00 0.04 0.152 0.135 0.145 0.00 0.04 ? 9  CYS A H    1 
ATOM   61  H HA   . CYS A 1 5  ? 0.630  0.356  1.832  1.00 0.04 0.134 0.129 0.141 0.00 0.04 ? 9  CYS A HA   1 
ATOM   62  H HB2  . CYS A 1 5  ? 3.141  0.299  3.454  1.00 0.06 0.158 0.147 0.159 0.00 0.05 ? 9  CYS A HB2  1 
ATOM   63  H HB3  . CYS A 1 5  ? 2.820  -0.923 2.237  1.00 0.06 0.146 0.158 0.156 0.00 0.05 ? 9  CYS A HB3  1 
ATOM   64  N N    . CYS A 1 6  ? -0.717 -0.916 3.861  1.00 0.05 0.010 0.010 0.012 0.00 0.00 ? 10 CYS A N    1 
ATOM   65  C CA   . CYS A 1 6  ? -1.240 -2.099 4.593  1.00 0.06 0.014 0.013 0.014 0.00 0.00 ? 10 CYS A CA   1 
ATOM   66  C C    . CYS A 1 6  ? -1.545 -3.288 3.702  1.00 0.06 0.014 0.013 0.014 0.00 0.00 ? 10 CYS A C    1 
ATOM   67  O O    . CYS A 1 6  ? -1.856 -4.342 4.238  1.00 0.08 0.010 0.009 0.012 0.00 0.00 ? 10 CYS A O    1 
ATOM   68  C CB   . CYS A 1 6  ? -2.478 -1.682 5.406  1.00 0.07 0.016 0.016 0.016 0.00 0.00 ? 10 CYS A CB   1 
ATOM   69  S SG   . CYS A 1 6  ? -3.898 -1.244 4.293  1.00 0.06 0.004 0.004 0.004 0.00 0.00 ? 10 CYS A SG   1 
ATOM   70  H H    . CYS A 1 6  ? -1.299 -0.119 3.647  1.00 0.05 0.153 0.140 0.150 0.00 0.05 ? 10 CYS A H    1 
ATOM   71  H HA   . CYS A 1 6  ? -0.457 -2.462 5.265  1.00 0.05 0.157 0.144 0.155 0.00 0.05 ? 10 CYS A HA   1 
ATOM   72  H HB2  . CYS A 1 6  ? -2.749 -2.476 6.084  1.00 0.06 0.161 0.153 0.165 0.00 0.05 ? 10 CYS A HB2  1 
ATOM   73  H HB3  . CYS A 1 6  ? -2.207 -0.815 6.018  1.00 0.06 0.141 0.159 0.169 0.00 0.05 ? 10 CYS A HB3  1 
ATOM   74  N N    . ASN A 1 7  ? -1.520 -3.095 2.350  1.00 0.06 0.011 0.011 0.013 0.00 0.00 ? 11 ASN A N    1 
ATOM   75  C CA   . ASN A 1 7  ? -1.617 -4.252 1.475  1.00 0.07 0.015 0.014 0.016 0.00 0.00 ? 11 ASN A CA   1 
ATOM   76  C C    . ASN A 1 7  ? -0.679 -3.988 0.278  1.00 0.07 0.014 0.015 0.018 0.00 0.00 ? 11 ASN A C    1 
ATOM   77  O O    . ASN A 1 7  ? -0.542 -2.821 -0.125 1.00 0.08 0.010 0.011 0.012 0.00 0.00 ? 11 ASN A O    1 
ATOM   78  C CB   . ASN A 1 7  ? -3.112 -4.318 0.919  1.00 0.09 0.024 0.018 0.020 0.00 0.00 ? 11 ASN A CB   1 
ATOM   79  C CG   . ASN A 1 7  ? -3.341 -5.518 0.096  1.00 0.09 0.019 0.019 0.020 0.00 0.00 ? 11 ASN A CG   1 
ATOM   80  O OD1  . ASN A 1 7  ? -3.053 -5.607 -1.095 1.00 0.14 0.016 0.015 0.020 0.00 0.00 ? 11 ASN A OD1  1 
ATOM   81  N ND2  . ASN A 1 7  ? -3.859 -6.630 0.696  1.00 0.15 0.024 0.019 0.023 0.00 0.00 ? 11 ASN A ND2  1 
ATOM   82  H H    . ASN A 1 7  ? -1.442 -2.166 1.979  1.00 0.06 0.154 0.149 0.157 0.00 0.05 ? 11 ASN A H    1 
ATOM   83  H HA   . ASN A 1 7  ? -1.356 -5.163 1.994  1.00 0.06 0.156 0.144 0.164 0.00 0.05 ? 11 ASN A HA   1 
ATOM   84  H HB2  . ASN A 1 7  ? -3.824 -4.290 1.735  1.00 0.07 0.166 0.159 0.188 0.00 0.05 ? 11 ASN A HB2  1 
ATOM   85  H HB3  . ASN A 1 7  ? -3.318 -3.436 0.292  1.00 0.07 0.181 0.172 0.190 0.00 0.06 ? 11 ASN A HB3  1 
ATOM   86  N N    . PRO A 1 8  ? -0.083 -5.000 -0.316 1.00 0.08 0.013 0.013 0.014 0.00 0.00 ? 12 PRO A N    1 
ATOM   87  C CA   . PRO A 1 8  ? 0.838  -4.796 -1.439 1.00 0.10 0.020 0.022 0.021 0.00 0.00 ? 12 PRO A CA   1 
ATOM   88  C C    . PRO A 1 8  ? 0.251  -4.146 -2.620 1.00 0.11 0.022 0.025 0.025 0.00 0.00 ? 12 PRO A C    1 
ATOM   89  O O    . PRO A 1 8  ? 0.954  -3.646 -3.452 1.00 0.21 0.018 0.031 0.018 0.00 0.00 ? 12 PRO A O    1 
ATOM   90  C CB   . PRO A 1 8  ? 1.349  -6.181 -1.745 1.00 0.15 0.032 0.043 0.040 0.00 0.00 ? 12 PRO A CB   1 
ATOM   91  C CG   . PRO A 1 8  ? 1.272  -6.844 -0.450 1.00 0.27 0.063 0.065 0.055 0.00 0.00 ? 12 PRO A CG   1 
ATOM   92  C CD   . PRO A 1 8  ? -0.045 -6.408 0.152  1.00 0.12 0.023 0.026 0.030 0.00 0.00 ? 12 PRO A CD   1 
ATOM   93  H HA   . PRO A 1 8  ? 1.623  -4.086 -1.187 1.00 0.07 0.176 0.179 0.185 0.00 0.06 ? 12 PRO A HA   1 
ATOM   94  H HB2  . PRO A 1 8  ? 0.743  -6.677 -2.473 1.00 0.11 0.251 0.236 0.277 0.00 0.10 ? 12 PRO A HB2  1 
ATOM   95  H HB3  . PRO A 1 8  ? 2.366  -6.163 -2.093 1.00 0.11 0.240 0.237 0.266 0.00 0.09 ? 12 PRO A HB3  1 
ATOM   96  H HG2  . PRO A 1 8  ? 1.310  -7.910 -0.551 1.00 0.17 0.299 0.298 0.322 0.00 0.11 ? 12 PRO A HG2  1 
ATOM   97  H HG3  . PRO A 1 8  ? 2.078  -6.543 0.174  1.00 0.19 0.407 0.350 0.438 0.00 0.22 ? 12 PRO A HG3  1 
ATOM   98  H HD2  . PRO A 1 8  ? -0.835 -7.000 -0.225 1.00 0.11 0.225 0.232 0.230 0.00 0.09 ? 12 PRO A HD2  1 
ATOM   99  H HD3  . PRO A 1 8  ? -0.032 -6.468 1.225  1.00 0.10 0.225 0.205 0.219 0.00 0.07 ? 12 PRO A HD3  1 
ATOM   100 N N    . ALA A 1 9  ? -1.148 -4.297 -2.822 1.00 0.08 0.013 0.013 0.019 0.00 0.00 ? 13 ALA A N    1 
ATOM   101 C CA   . ALA A 1 9  ? -1.801 -3.711 -3.999 1.00 0.08 0.016 0.014 0.022 0.00 0.00 ? 13 ALA A CA   1 
ATOM   102 C C    . ALA A 1 9  ? -1.936 -2.207 -3.948 1.00 0.08 0.014 0.015 0.019 0.00 0.00 ? 13 ALA A C    1 
ATOM   103 O O    . ALA A 1 9  ? -2.251 -1.579 -4.928 1.00 0.11 0.010 0.012 0.017 0.00 0.00 ? 13 ALA A O    1 
ATOM   104 C CB   . ALA A 1 9  ? -3.186 -4.312 -4.194 1.00 0.12 0.025 0.023 0.037 0.00 0.00 ? 13 ALA A CB   1 
ATOM   105 H H    . ALA A 1 9  ? -1.805 -4.743 -2.209 1.00 0.07 0.179 0.174 0.192 0.00 0.06 ? 13 ALA A H    1 
ATOM   106 H HA   . ALA A 1 9  ? -1.132 -3.935 -4.821 1.00 0.07 0.172 0.176 0.192 0.00 0.06 ? 13 ALA A HA   1 
ATOM   107 H HB1  . ALA A 1 9  ? -3.058 -5.381 -4.219 1.00 0.07 0.173 0.178 0.174 0.00 0.06 ? 13 ALA A HB1  1 
ATOM   108 H HB2  . ALA A 1 9  ? -3.887 -4.023 -3.419 1.00 0.07 0.188 0.188 0.198 0.00 0.07 ? 13 ALA A HB2  1 
ATOM   109 H HB3  . ALA A 1 9  ? -3.538 -3.984 -5.163 1.00 0.07 0.192 0.169 0.186 0.00 0.06 ? 13 ALA A HB3  1 
ATOM   110 N N    . CYS A 1 10 ? -1.622 -1.601 -2.803 1.00 0.06 0.013 0.011 0.013 0.00 0.00 ? 14 CYS A N    1 
ATOM   111 C CA   . CYS A 1 10 ? -1.686 -0.189 -2.686 1.00 0.06 0.014 0.013 0.015 0.00 0.00 ? 14 CYS A CA   1 
ATOM   112 C C    . CYS A 1 10 ? -0.516 0.450  -3.495 1.00 0.05 0.012 0.013 0.016 0.00 0.00 ? 14 CYS A C    1 
ATOM   113 O O    . CYS A 1 10 ? 0.569  -0.122 -3.599 1.00 0.08 0.010 0.011 0.011 0.00 0.00 ? 14 CYS A O    1 
ATOM   114 C CB   . CYS A 1 10 ? -1.488 0.165  -1.240 1.00 0.07 0.016 0.013 0.016 0.00 0.00 ? 14 CYS A CB   1 
ATOM   115 S SG   . CYS A 1 10 ? -2.795 -0.433 -0.137 1.00 0.07 0.004 0.003 0.004 0.00 0.00 ? 14 CYS A SG   1 
ATOM   116 H H    . CYS A 1 10 ? -1.267 -1.990 -1.945 1.00 0.05 0.160 0.153 0.167 0.00 0.05 ? 14 CYS A H    1 
ATOM   117 H HA   . CYS A 1 10 ? -2.650 0.134  -3.049 1.00 0.05 0.143 0.143 0.158 0.00 0.04 ? 14 CYS A HA   1 
ATOM   118 H HB2  . CYS A 1 10 ? -0.537 -0.214 -0.921 1.00 0.05 0.150 0.145 0.157 0.00 0.05 ? 14 CYS A HB2  1 
ATOM   119 H HB3  . CYS A 1 10 ? -1.454 1.245  -1.182 1.00 0.05 0.140 0.147 0.145 0.00 0.04 ? 14 CYS A HB3  1 
ATOM   120 N N    . ALA A 1 11 ? -0.749 1.656  -4.034 1.00 0.06 0.010 0.011 0.014 0.00 0.00 ? 15 ALA A N    1 
ATOM   121 C CA   . ALA A 1 11 ? 0.236  2.270  -4.877 1.00 0.06 0.011 0.014 0.015 0.00 0.00 ? 15 ALA A CA   1 
ATOM   122 C C    . ALA A 1 11 ? 1.521  2.532  -4.071 1.00 0.07 0.012 0.016 0.017 0.00 0.00 ? 15 ALA A C    1 
ATOM   123 O O    . ALA A 1 11 ? 1.507  3.057  -2.963 1.00 0.07 0.009 0.010 0.011 0.00 0.00 ? 15 ALA A O    1 
ATOM   124 C CB   . ALA A 1 11 ? -0.235 3.615  -5.450 1.00 0.10 0.018 0.027 0.022 0.00 0.00 ? 15 ALA A CB   1 
ATOM   125 H H    . ALA A 1 11 ? -1.602 2.146  -3.845 1.00 0.05 0.153 0.151 0.172 0.00 0.05 ? 15 ALA A H    1 
ATOM   126 H HA   . ALA A 1 11 ? 0.427  1.564  -5.684 1.00 0.04 0.131 0.142 0.143 0.00 0.04 ? 15 ALA A HA   1 
ATOM   127 H HB1  . ALA A 1 11 ? -1.169 3.743  -4.925 1.00 0.05 0.143 0.142 0.168 0.00 0.04 ? 15 ALA A HB1  1 
ATOM   128 H HB2  . ALA A 1 11 ? 0.381  4.488  -5.205 1.00 0.05 0.140 0.151 0.165 0.00 0.05 ? 15 ALA A HB2  1 
ATOM   129 H HB3  . ALA A 1 11 ? -0.460 3.659  -6.512 1.00 0.05 0.154 0.135 0.144 0.00 0.04 ? 15 ALA A HB3  1 
ATOM   130 N N    . GLY A 1 12 ? 2.672  2.276  -4.699 1.00 0.06 0.010 0.012 0.012 0.00 0.00 ? 16 GLY A N    1 
ATOM   131 C CA   . GLY A 1 12 ? 3.898  2.529  -4.044 1.00 0.05 0.011 0.016 0.015 0.00 0.00 ? 16 GLY A CA   1 
ATOM   132 C C    . GLY A 1 12 ? 4.299  1.497  -3.013 1.00 0.05 0.011 0.013 0.012 0.00 0.00 ? 16 GLY A C    1 
ATOM   133 O O    . GLY A 1 12 ? 5.244  1.781  -2.262 1.00 0.06 0.009 0.010 0.009 0.00 0.00 ? 16 GLY A O    1 
ATOM   134 H H    . GLY A 1 12 ? 2.666  1.897  -5.608 1.00 0.05 0.154 0.146 0.153 0.00 0.05 ? 16 GLY A H    1 
ATOM   135 H HA2  . GLY A 1 12 ? 4.669  2.608  -4.781 1.00 0.06 0.152 0.147 0.183 0.00 0.05 ? 16 GLY A HA2  1 
ATOM   136 H HA3  . GLY A 1 12 ? 3.824  3.490  -3.542 1.00 0.06 0.150 0.164 0.159 0.00 0.05 ? 16 GLY A HA3  1 
ATOM   137 N N    . CYS A 1 13 ? 3.591  0.375  -2.953 1.00 0.06 0.011 0.012 0.013 0.00 0.00 ? 17 CYS A N    1 
ATOM   138 C CA   . CYS A 1 13 ? 3.805  -0.573 -1.886 1.00 0.06 0.015 0.014 0.016 0.00 0.00 ? 17 CYS A CA   1 
ATOM   139 C C    . CYS A 1 13 ? 4.271  -1.964 -2.435 1.00 0.08 0.015 0.017 0.019 0.00 0.00 ? 17 CYS A C    1 
ATOM   140 O O    . CYS A 1 13 ? 4.301  -2.874 -1.621 1.00 0.12 0.013 0.013 0.016 0.00 0.00 ? 17 CYS A O    1 
ATOM   141 C CB   . CYS A 1 13 ? 2.547  -0.734 -1.034 1.00 0.06 0.014 0.014 0.017 0.00 0.00 ? 17 CYS A CB   1 
ATOM   142 S SG   . CYS A 1 13 ? 2.000  0.825  -0.329 1.00 0.07 0.003 0.004 0.004 0.00 0.00 ? 17 CYS A SG   1 
ATOM   143 O OXT  . CYS A 1 13 ? 4.603  -2.062 -3.604 1.00 0.14 0.013 0.017 0.018 0.00 0.00 ? 17 CYS A OXT  1 
ATOM   144 H H    . CYS A 1 13 ? 2.620  0.223  -3.169 1.00 0.06 0.155 0.151 0.159 0.00 0.05 ? 17 CYS A H    1 
ATOM   145 H HA   . CYS A 1 13 ? 4.263  -1.065 -1.038 1.00 0.06 0.156 0.149 0.164 0.00 0.05 ? 17 CYS A HA   1 
ATOM   146 H HB2  . CYS A 1 13 ? 1.748  -1.131 -1.657 1.00 0.06 0.153 0.153 0.158 0.00 0.05 ? 17 CYS A HB2  1 
ATOM   147 H HB3  . CYS A 1 13 ? 2.744  -1.435 -0.235 1.00 0.06 0.149 0.144 0.157 0.00 0.05 ? 17 CYS A HB3  1 
HETATM 148 O O    . HOH B 2 .  ? 3.035  5.483  5.932  1.00 0.08 0.011 0.010 0.011 0.00 0.00 ? 18 HOH A O    1 
HETATM 149 O O    . HOH B 2 .  ? -1.710 6.292  -1.966 1.00 0.27 0.029 0.032 0.031 0.00 0.00 ? 19 HOH A O    1 
HETATM 150 O O    . HOH B 2 .  ? 2.678  1.199  8.151  1.00 0.21 0.017 0.017 0.031 0.00 0.00 ? 20 HOH A O    1 
HETATM 151 O O    . HOH B 2 .  ? -3.350 -6.681 3.757  1.00 0.20 0.024 0.017 0.023 0.00 0.00 ? 21 HOH A O    1 
HETATM 152 O O    . HOH B 2 .  ? -2.028 -7.822 -2.931 1.00 0.49 0.039 0.038 0.079 0.00 0.00 ? 22 HOH A O    1 
HETATM 153 O O    . HOH B 2 .  ? 2.231  -4.665 -5.417 1.00 0.36 0.038 0.029 0.049 0.00 0.00 ? 23 HOH A O    1 
HETATM 154 O O    . HOH B 2 .  ? 1.416  -1.659 -5.971 1.00 0.22 0.023 0.023 0.023 0.00 0.00 ? 24 HOH A O    1 
HETATM 155 O O    . HOH B 2 .  ? -2.759 3.445  -2.875 1.00 0.12 0.015 0.014 0.014 0.00 0.00 ? 25 HOH A O    1 
HETATM 156 O O    . HOH B 2 .  ? -0.430 3.899  -1.245 1.00 0.10 0.011 0.013 0.012 0.00 0.00 ? 26 HOH A O    1 
HETATM 157 O O    . HOH B 2 .  ? 5.280  -5.313 -2.019 1.00 0.21 0.025 0.022 0.025 0.00 0.00 ? 27 HOH A O    1 
HETATM 158 O O    . HOH B 2 .  ? 4.271  -1.073 -6.302 1.00 0.29 0.018 0.033 0.034 0.00 0.00 ? 28 HOH A O    1 
HETATM 159 O O    . HOH B 2 .  ? 5.971  -3.671 -5.904 1.00 0.95 0.123 0.037 0.073 0.00 0.01 ? 29 HOH A O    1 
HETATM 160 O O    . HOH B 2 .  ? -1.188 -8.114 3.015  1.00 0.14 0.016 0.016 0.018 0.00 0.00 ? 30 HOH A O    1 
# 
loop_
_atom_site_anisotrop.id 
_atom_site_anisotrop.type_symbol 
_atom_site_anisotrop.pdbx_label_atom_id 
_atom_site_anisotrop.pdbx_label_alt_id 
_atom_site_anisotrop.pdbx_label_comp_id 
_atom_site_anisotrop.pdbx_label_asym_id 
_atom_site_anisotrop.pdbx_label_seq_id 
_atom_site_anisotrop.pdbx_PDB_ins_code 
_atom_site_anisotrop.U[1][1] 
_atom_site_anisotrop.U[2][2] 
_atom_site_anisotrop.U[3][3] 
_atom_site_anisotrop.U[1][2] 
_atom_site_anisotrop.U[1][3] 
_atom_site_anisotrop.U[2][3] 
_atom_site_anisotrop.U[1][1]_esd 
_atom_site_anisotrop.U[2][2]_esd 
_atom_site_anisotrop.U[3][3]_esd 
_atom_site_anisotrop.U[1][2]_esd 
_atom_site_anisotrop.U[1][3]_esd 
_atom_site_anisotrop.U[2][3]_esd 
_atom_site_anisotrop.pdbx_auth_seq_id 
_atom_site_anisotrop.pdbx_auth_comp_id 
_atom_site_anisotrop.pdbx_auth_asym_id 
_atom_site_anisotrop.pdbx_auth_atom_id 
1   C C1   . MPR A 1  ? 0.0437  0.0323  0.0533 -0.0098 -0.0111 -0.0032 0.0003 0.0001 0.0010 0.0004 0.0010 0.0006 5  MPR A C1   
2   O O    . MPR A 1  ? 0.0324  0.0587  0.0651 -0.0019 -0.0150 0.0081  0.0002 0.0001 0.0006 0.0003 0.0006 0.0005 5  MPR A O    
3   C C2   . MPR A 1  ? 0.0642  0.0497  0.0353 -0.0034 0.0079  0.0084  0.0003 0.0002 0.0010 0.0004 0.0009 0.0006 5  MPR A C2   
4   C C3   . MPR A 1  ? 0.0926  0.0674  0.0518 0.0259  0.0231  -0.0010 0.0004 0.0003 0.0013 0.0005 0.0013 0.0010 5  MPR A C3   
5   S S3   . MPR A 1  ? 0.0805  0.0276  0.1497 -0.0078 0.0630  0.0448  0.0002 0.0001 0.0003 0.0002 0.0004 0.0003 5  MPR A S3   
6   H H21  . MPR A 1  ? 0.0507  0.0507  0.0507 0.0000  0.0000  0.0000  0.0450 0.0450 0.0450 0.0000 0.0000 0.0000 5  MPR A H21  
7   H H22  . MPR A 1  ? 0.0515  0.0515  0.0515 0.0000  0.0000  0.0000  0.0439 0.0439 0.0439 0.0000 0.0000 0.0000 5  MPR A H22  
8   H H31  . MPR A 1  ? 0.0664  0.0664  0.0664 0.0000  0.0000  0.0000  0.0540 0.0540 0.0540 0.0000 0.0000 0.0000 5  MPR A H31  
9   H H32  . MPR A 1  ? 0.0647  0.0647  0.0647 0.0000  0.0000  0.0000  0.0501 0.0501 0.0501 0.0000 0.0000 0.0000 5  MPR A H32  
10  N N    . CYS A 2  ? 0.0412  0.0568  0.0443 0.0131  -0.0005 -0.0010 0.0003 0.0002 0.0008 0.0003 0.0008 0.0006 6  CYS A N    
11  C CA   . CYS A 2  ? 0.0607  0.0469  0.0332 0.0130  -0.0033 -0.0118 0.0003 0.0002 0.0010 0.0004 0.0010 0.0006 6  CYS A CA   
12  C C    . CYS A 2  ? 0.0569  0.0578  0.0257 -0.0100 -0.0027 0.0091  0.0003 0.0002 0.0011 0.0004 0.0009 0.0006 6  CYS A C    
13  O O    . CYS A 2  ? 0.0558  0.0716  0.0515 0.0017  0.0029  -0.0034 0.0002 0.0001 0.0008 0.0003 0.0006 0.0005 6  CYS A O    
14  C CB   . CYS A 2  ? 0.0801  0.0702  0.0284 -0.0087 0.0169  -0.0046 0.0004 0.0002 0.0012 0.0004 0.0012 0.0008 6  CYS A CB   
15  S SG   . CYS A 2  ? 0.0495  0.1468  0.0355 -0.0435 -0.0227 -0.0340 0.0001 0.0001 0.0003 0.0001 0.0004 0.0002 6  CYS A SG   
16  H H    . CYS A 2  ? 0.0458  0.0458  0.0458 0.0000  0.0000  0.0000  0.0449 0.0449 0.0449 0.0000 0.0000 0.0000 6  CYS A H    
17  H HA   . CYS A 2  ? 0.0406  0.0406  0.0406 0.0000  0.0000  0.0000  0.0393 0.0393 0.0393 0.0000 0.0000 0.0000 6  CYS A HA   
18  H HB2  . CYS A 2  ? 0.0538  0.0538  0.0538 0.0000  0.0000  0.0000  0.0468 0.0468 0.0468 0.0000 0.0000 0.0000 6  CYS A HB2  
19  H HB3  . CYS A 2  ? 0.0495  0.0495  0.0495 0.0000  0.0000  0.0000  0.0444 0.0444 0.0444 0.0000 0.0000 0.0000 6  CYS A HB3  
20  N N    . GLU A 3  ? 0.0572  0.0268  0.0542 -0.0010 0.0035  0.0010  0.0003 0.0001 0.0009 0.0003 0.0008 0.0005 7  GLU A N    
21  C CA   . GLU A 3  ? 0.0601  0.0410  0.0702 -0.0160 0.0098  0.0072  0.0004 0.0002 0.0011 0.0005 0.0012 0.0006 7  GLU A CA   
22  C C    . GLU A 3  ? 0.0627  0.0603  0.0471 -0.0517 0.0020  -0.0089 0.0004 0.0002 0.0011 0.0004 0.0012 0.0006 7  GLU A C    
23  O O    . GLU A 3  ? 0.0754  0.0758  0.1025 -0.0763 -0.0356 0.0381  0.0003 0.0002 0.0012 0.0004 0.0010 0.0008 7  GLU A O    
24  C CB   . GLU A 3  ? 0.0950  0.0262  0.1150 0.0059  0.0077  -0.0038 0.0006 0.0002 0.0016 0.0006 0.0017 0.0010 7  GLU A CB   
25  C CG   . GLU A 3  ? 0.0647  0.0382  0.1810 -0.0041 0.0038  0.0521  0.0006 0.0004 0.0017 0.0008 0.0017 0.0013 7  GLU A CG   
26  C CD   . GLU A 3  ? 0.1402  0.1329  0.0565 -0.0571 0.0127  -0.0025 0.0006 0.0004 0.0023 0.0009 0.0022 0.0016 7  GLU A CD   
27  O OE1  . GLU A 3  ? 0.1314  0.1246  0.1643 -0.1225 -0.0412 0.0825  0.0004 0.0003 0.0021 0.0006 0.0016 0.0013 7  GLU A OE1  
28  O OE2  . GLU A 3  ? 0.3889  0.2033  0.0952 -0.2441 0.1334  0.0073  0.0013 0.0004 0.0039 0.0011 0.0040 0.0019 7  GLU A OE2  
29  H H    . GLU A 3  ? 0.0433  0.0433  0.0433 0.0000  0.0000  0.0000  0.0435 0.0435 0.0435 0.0000 0.0000 0.0000 7  GLU A H    
30  H HA   . GLU A 3  ? 0.0521  0.0521  0.0521 0.0000  0.0000  0.0000  0.0454 0.0454 0.0454 0.0000 0.0000 0.0000 7  GLU A HA   
31  H HB2  . GLU A 3  ? 0.0663  0.0663  0.0663 0.0000  0.0000  0.0000  0.0549 0.0549 0.0549 0.0000 0.0000 0.0000 7  GLU A HB2  
32  H HB3  . GLU A 3  ? 0.0667  0.0667  0.0667 0.0000  0.0000  0.0000  0.0525 0.0525 0.0525 0.0000 0.0000 0.0000 7  GLU A HB3  
33  H HG2  . GLU A 3  ? 0.0920  0.0920  0.0920 0.0000  0.0000  0.0000  0.0687 0.0687 0.0687 0.0000 0.0000 0.0000 7  GLU A HG2  
34  H HG3  . GLU A 3  ? 0.0922  0.0922  0.0922 0.0000  0.0000  0.0000  0.0707 0.0707 0.0707 0.0000 0.0000 0.0000 7  GLU A HG3  
35  N N    . LEU A 4  ? 0.0566  0.0403  0.0562 0.0164  -0.0100 -0.0167 0.0003 0.0001 0.0009 0.0003 0.0009 0.0006 8  LEU A N    
36  C CA   . LEU A 4  ? 0.0348  0.0610  0.0593 -0.0077 -0.0154 0.0051  0.0003 0.0002 0.0010 0.0004 0.0010 0.0006 8  LEU A CA   
37  C C    . LEU A 4  ? 0.0453  0.0548  0.0598 0.0019  -0.0272 0.0010  0.0003 0.0002 0.0011 0.0004 0.0010 0.0006 8  LEU A C    
38  O O    . LEU A 4  ? 0.0811  0.0818  0.0511 0.0318  -0.0303 -0.0150 0.0003 0.0002 0.0010 0.0003 0.0008 0.0006 8  LEU A O    
39  C CB   . LEU A 4  ? 0.0803  0.0874  0.0564 0.0022  0.0002  -0.0127 0.0005 0.0003 0.0013 0.0006 0.0015 0.0010 8  LEU A CB   
40  C CG   . LEU A 4  ? 0.1825  0.1590  0.0095 -0.0113 0.0610  -0.0534 0.0009 0.0004 0.0022 0.0009 0.0026 0.0015 8  LEU A CG   
41  C CD1  . LEU A 4  ? 0.2686  0.1307  0.0218 -0.0048 0.1045  -0.0071 0.0010 0.0006 0.0035 0.0013 0.0034 0.0025 8  LEU A CD1  
42  C CD2  . LEU A 4  ? 0.3102  0.2021  0.1069 -0.1620 0.2148  -0.1174 0.0035 0.0004 0.0039 0.0019 0.0072 0.0020 8  LEU A CD2  
43  H H    . LEU A 4  ? 0.0393  0.0393  0.0393 0.0000  0.0000  0.0000  0.0401 0.0401 0.0401 0.0000 0.0000 0.0000 8  LEU A H    
44  H HA   . LEU A 4  ? 0.0474  0.0474  0.0474 0.0000  0.0000  0.0000  0.0417 0.0417 0.0417 0.0000 0.0000 0.0000 8  LEU A HA   
45  H HB2  . LEU A 4  ? 0.0580  0.0580  0.0580 0.0000  0.0000  0.0000  0.0476 0.0476 0.0476 0.0000 0.0000 0.0000 8  LEU A HB2  
46  H HB3  . LEU A 4  ? 0.0588  0.0588  0.0588 0.0000  0.0000  0.0000  0.0515 0.0515 0.0515 0.0000 0.0000 0.0000 8  LEU A HB3  
47  H HG   . LEU A 4  ? 0.1242  0.1242  0.1242 0.0000  0.0000  0.0000  0.0984 0.0984 0.0984 0.0000 0.0000 0.0000 8  LEU A HG   
48  H HD11 . LEU A 4  ? 0.1258  0.1258  0.1258 0.0000  0.0000  0.0000  0.1039 0.1039 0.1039 0.0000 0.0000 0.0000 8  LEU A HD11 
49  H HD12 . LEU A 4  ? 0.1300  0.1300  0.1300 0.0000  0.0000  0.0000  0.0943 0.0943 0.0943 0.0000 0.0000 0.0000 8  LEU A HD12 
50  H HD13 . LEU A 4  ? 0.1339  0.1339  0.1339 0.0000  0.0000  0.0000  0.1257 0.1257 0.1257 0.0000 0.0000 0.0000 8  LEU A HD13 
51  H HD21 . LEU A 4  ? 0.1390  0.1390  0.1390 0.0000  0.0000  0.0000  0.1669 0.1669 0.1669 0.0000 0.0000 0.0000 8  LEU A HD21 
52  H HD22 . LEU A 4  ? 0.1336  0.1336  0.1336 0.0000  0.0000  0.0000  0.1082 0.1082 0.1082 0.0000 0.0000 0.0000 8  LEU A HD22 
53  H HD23 . LEU A 4  ? 0.1307  0.1307  0.1307 0.0000  0.0000  0.0000  0.0844 0.0844 0.0844 0.0000 0.0000 0.0000 8  LEU A HD23 
54  N N    . CYS A 5  ? 0.0450  0.0544  0.0314 -0.0022 -0.0107 -0.0030 0.0002 0.0001 0.0008 0.0003 0.0006 0.0005 9  CYS A N    
55  C CA   . CYS A 5  ? 0.0462  0.0517  0.0442 0.0077  -0.0116 0.0076  0.0003 0.0002 0.0011 0.0004 0.0009 0.0006 9  CYS A CA   
56  C C    . CYS A 5  ? 0.0403  0.0671  0.0416 0.0270  -0.0141 -0.0083 0.0003 0.0002 0.0009 0.0004 0.0009 0.0006 9  CYS A C    
57  O O    . CYS A 5  ? 0.0795  0.0125  0.1065 0.0511  0.0273  0.0216  0.0002 0.0002 0.0006 0.0004 0.0006 0.0006 9  CYS A O    
58  C CB   . CYS A 5  ? 0.0769  0.0559  0.0517 0.0116  0.0163  -0.0024 0.0004 0.0002 0.0012 0.0005 0.0011 0.0008 9  CYS A CB   
59  S SG   . CYS A 5  ? 0.0556  0.0751  0.0538 -0.0238 0.0066  0.0008  0.0001 0.0001 0.0003 0.0001 0.0003 0.0002 9  CYS A SG   
60  H H    . CYS A 5  ? 0.0415  0.0415  0.0415 0.0000  0.0000  0.0000  0.0417 0.0417 0.0417 0.0000 0.0000 0.0000 9  CYS A H    
61  H HA   . CYS A 5  ? 0.0406  0.0406  0.0406 0.0000  0.0000  0.0000  0.0388 0.0388 0.0388 0.0000 0.0000 0.0000 9  CYS A HA   
62  H HB2  . CYS A 5  ? 0.0586  0.0586  0.0586 0.0000  0.0000  0.0000  0.0486 0.0486 0.0486 0.0000 0.0000 0.0000 9  CYS A HB2  
63  H HB3  . CYS A 5  ? 0.0567  0.0567  0.0567 0.0000  0.0000  0.0000  0.0455 0.0455 0.0455 0.0000 0.0000 0.0000 9  CYS A HB3  
64  N N    . CYS A 6  ? 0.0721  0.0622  0.0191 -0.0012 0.0034  0.0019  0.0002 0.0002 0.0009 0.0003 0.0008 0.0006 10 CYS A N    
65  C CA   . CYS A 6  ? 0.0590  0.0592  0.0490 -0.0337 0.0097  0.0120  0.0004 0.0002 0.0011 0.0005 0.0011 0.0008 10 CYS A CA   
66  C C    . CYS A 6  ? 0.0516  0.0596  0.0576 0.0102  0.0068  -0.0047 0.0004 0.0002 0.0010 0.0005 0.0011 0.0006 10 CYS A C    
67  O O    . CYS A 6  ? 0.1277  0.0298  0.0721 -0.0254 0.0325  0.0197  0.0003 0.0001 0.0010 0.0003 0.0009 0.0006 10 CYS A O    
68  C CB   . CYS A 6  ? 0.0944  0.0538  0.0567 0.0174  0.0416  0.0017  0.0004 0.0002 0.0012 0.0005 0.0012 0.0009 10 CYS A CB   
69  S SG   . CYS A 6  ? 0.0552  0.0462  0.0797 -0.0030 0.0041  0.0106  0.0001 0.0001 0.0003 0.0001 0.0003 0.0002 10 CYS A SG   
70  H H    . CYS A 6  ? 0.0466  0.0466  0.0466 0.0000  0.0000  0.0000  0.0459 0.0459 0.0459 0.0000 0.0000 0.0000 10 CYS A H    
71  H HA   . CYS A 6  ? 0.0543  0.0543  0.0543 0.0000  0.0000  0.0000  0.0468 0.0468 0.0468 0.0000 0.0000 0.0000 10 CYS A HA   
72  H HB2  . CYS A 6  ? 0.0611  0.0611  0.0611 0.0000  0.0000  0.0000  0.0492 0.0492 0.0492 0.0000 0.0000 0.0000 10 CYS A HB2  
73  H HB3  . CYS A 6  ? 0.0587  0.0587  0.0587 0.0000  0.0000  0.0000  0.0471 0.0471 0.0471 0.0000 0.0000 0.0000 10 CYS A HB3  
74  N N    . ASN A 7  ? 0.0886  0.0474  0.0495 -0.0179 0.0018  0.0128  0.0003 0.0002 0.0010 0.0004 0.0010 0.0006 11 ASN A N    
75  C CA   . ASN A 7  ? 0.0870  0.0752  0.0329 -0.0215 0.0051  -0.0026 0.0004 0.0002 0.0013 0.0005 0.0012 0.0009 11 ASN A CA   
76  C C    . ASN A 7  ? 0.0888  0.0893  0.0225 -0.0159 0.0007  0.0004  0.0004 0.0002 0.0013 0.0005 0.0012 0.0010 11 ASN A C    
77  O O    . ASN A 7  ? 0.1173  0.0541  0.0678 -0.0348 0.0349  0.0301  0.0003 0.0002 0.0010 0.0004 0.0010 0.0006 11 ASN A O    
78  C CB   . ASN A 7  ? 0.0868  0.1223  0.0650 -0.0619 0.0283  -0.0085 0.0008 0.0003 0.0015 0.0008 0.0018 0.0011 11 ASN A CB   
79  C CG   . ASN A 7  ? 0.1017  0.1019  0.0644 -0.0319 0.0135  0.0136  0.0006 0.0003 0.0017 0.0006 0.0016 0.0012 11 ASN A CG   
80  O OD1  . ASN A 7  ? 0.1662  0.2010  0.0406 -0.1019 -0.0015 -0.0017 0.0005 0.0003 0.0019 0.0006 0.0018 0.0012 11 ASN A OD1  
81  N ND2  . ASN A 7  ? 0.2000  0.1916  0.0550 -0.1020 0.0366  -0.0166 0.0008 0.0004 0.0024 0.0009 0.0026 0.0015 11 ASN A ND2  
82  H H    . ASN A 7  ? 0.0577  0.0577  0.0577 0.0000  0.0000  0.0000  0.0486 0.0486 0.0486 0.0000 0.0000 0.0000 11 ASN A H    
83  H HA   . ASN A 7  ? 0.0562  0.0562  0.0562 0.0000  0.0000  0.0000  0.0476 0.0476 0.0476 0.0000 0.0000 0.0000 11 ASN A HA   
84  H HB2  . ASN A 7  ? 0.0690  0.0690  0.0690 0.0000  0.0000  0.0000  0.0545 0.0545 0.0545 0.0000 0.0000 0.0000 11 ASN A HB2  
85  H HB3  . ASN A 7  ? 0.0706  0.0706  0.0706 0.0000  0.0000  0.0000  0.0580 0.0580 0.0580 0.0000 0.0000 0.0000 11 ASN A HB3  
86  N N    . PRO A 8  ? 0.1084  0.0843  0.0359 0.0211  0.0234  -0.0048 0.0003 0.0002 0.0011 0.0005 0.0011 0.0009 12 PRO A N    
87  C CA   . PRO A 8  ? 0.1225  0.0923  0.0753 0.0666  0.0195  -0.0168 0.0006 0.0004 0.0018 0.0008 0.0018 0.0013 12 PRO A CA   
88  C C    . PRO A 8  ? 0.1389  0.1249  0.0710 0.0579  0.0415  0.0070  0.0006 0.0005 0.0020 0.0010 0.0021 0.0017 12 PRO A C    
89  O O    . PRO A 8  ? 0.1232  0.3723  0.1455 -0.0294 0.0727  0.1541  0.0006 0.0009 0.0013 0.0012 0.0017 0.0020 12 PRO A O    
90  C CB   . PRO A 8  ? 0.2246  0.1054  0.1292 0.1462  0.0707  0.0095  0.0009 0.0009 0.0034 0.0016 0.0032 0.0030 12 PRO A CB   
91  C CG   . PRO A 8  ? 0.5933  -0.1229 0.3403 0.2438  0.4268  0.1129  0.0027 0.0017 0.0063 0.0041 0.0074 0.0061 12 PRO A CG   
92  C CD   . PRO A 8  ? 0.2383  0.0469  0.0656 0.0494  0.0605  0.0111  0.0006 0.0004 0.0030 0.0009 0.0024 0.0020 12 PRO A CD   
93  H HA   . PRO A 8  ? 0.0706  0.0706  0.0706 0.0000  0.0000  0.0000  0.0580 0.0580 0.0580 0.0000 0.0000 0.0000 12 PRO A HA   
94  H HB2  . PRO A 8  ? 0.1134  0.1134  0.1134 0.0000  0.0000  0.0000  0.1041 0.1041 0.1041 0.0000 0.0000 0.0000 12 PRO A HB2  
95  H HB3  . PRO A 8  ? 0.1138  0.1138  0.1138 0.0000  0.0000  0.0000  0.0927 0.0927 0.0927 0.0000 0.0000 0.0000 12 PRO A HB3  
96  H HG2  . PRO A 8  ? 0.1736  0.1736  0.1736 0.0000  0.0000  0.0000  0.1117 0.1117 0.1117 0.0000 0.0000 0.0000 12 PRO A HG2  
97  H HG3  . PRO A 8  ? 0.1885  0.1885  0.1885 0.0000  0.0000  0.0000  0.2187 0.2187 0.2187 0.0000 0.0000 0.0000 12 PRO A HG3  
98  H HD2  . PRO A 8  ? 0.1051  0.1051  0.1051 0.0000  0.0000  0.0000  0.0873 0.0873 0.0873 0.0000 0.0000 0.0000 12 PRO A HD2  
99  H HD3  . PRO A 8  ? 0.1006  0.1006  0.1006 0.0000  0.0000  0.0000  0.0747 0.0747 0.0747 0.0000 0.0000 0.0000 12 PRO A HD3  
100 N N    . ALA A 9  ? 0.1164  0.0816  0.0344 0.0417  -0.0100 -0.0332 0.0004 0.0002 0.0015 0.0004 0.0013 0.0009 13 ALA A N    
101 C CA   . ALA A 9  ? 0.1431  0.0651  0.0329 0.0182  -0.0025 -0.0330 0.0004 0.0002 0.0019 0.0005 0.0016 0.0010 13 ALA A CA   
102 C C    . ALA A 9  ? 0.1390  0.0741  0.0198 0.0192  0.0223  0.0021  0.0004 0.0003 0.0016 0.0005 0.0013 0.0011 13 ALA A C    
103 O O    . ALA A 9  ? 0.1897  0.1155  0.0295 0.0849  -0.0345 -0.0312 0.0003 0.0002 0.0017 0.0004 0.0012 0.0011 13 ALA A O    
104 C CB   . ALA A 9  ? 0.1616  0.1001  0.1070 -0.0226 -0.0653 0.0041  0.0006 0.0004 0.0038 0.0008 0.0026 0.0020 13 ALA A CB   
105 H H    . ALA A 9  ? 0.0650  0.0650  0.0650 0.0000  0.0000  0.0000  0.0615 0.0615 0.0615 0.0000 0.0000 0.0000 13 ALA A H    
106 H HA   . ALA A 9  ? 0.0718  0.0718  0.0718 0.0000  0.0000  0.0000  0.0567 0.0567 0.0567 0.0000 0.0000 0.0000 13 ALA A HA   
107 H HB1  . ALA A 9  ? 0.0728  0.0728  0.0728 0.0000  0.0000  0.0000  0.0572 0.0572 0.0572 0.0000 0.0000 0.0000 13 ALA A HB1  
108 H HB2  . ALA A 9  ? 0.0715  0.0715  0.0715 0.0000  0.0000  0.0000  0.0666 0.0666 0.0666 0.0000 0.0000 0.0000 13 ALA A HB2  
109 H HB3  . ALA A 9  ? 0.0715  0.0715  0.0715 0.0000  0.0000  0.0000  0.0564 0.0564 0.0564 0.0000 0.0000 0.0000 13 ALA A HB3  
110 N N    . CYS A 10 ? 0.0664  0.0720  0.0519 0.0126  -0.0133 -0.0188 0.0003 0.0002 0.0010 0.0004 0.0011 0.0006 14 CYS A N    
111 C CA   . CYS A 10 ? 0.0542  0.0573  0.0653 0.0262  -0.0024 -0.0162 0.0004 0.0002 0.0010 0.0005 0.0012 0.0008 14 CYS A CA   
112 C C    . CYS A 10 ? 0.0489  0.0784  0.0336 0.0075  -0.0257 -0.0050 0.0003 0.0002 0.0012 0.0004 0.0010 0.0008 14 CYS A C    
113 O O    . CYS A 10 ? 0.0598  0.0752  0.0918 -0.0001 0.0072  0.0293  0.0003 0.0002 0.0008 0.0004 0.0009 0.0006 14 CYS A O    
114 C CB   . CYS A 10 ? 0.0738  0.0601  0.0633 -0.0235 -0.0046 -0.0056 0.0004 0.0002 0.0013 0.0005 0.0013 0.0008 14 CYS A CB   
115 S SG   . CYS A 10 ? 0.1182  0.0590  0.0339 -0.0393 0.0411  -0.0085 0.0001 0.0000 0.0003 0.0001 0.0004 0.0002 14 CYS A SG   
116 H H    . CYS A 10 ? 0.0543  0.0543  0.0543 0.0000  0.0000  0.0000  0.0487 0.0487 0.0487 0.0000 0.0000 0.0000 14 CYS A H    
117 H HA   . CYS A 10 ? 0.0478  0.0478  0.0478 0.0000  0.0000  0.0000  0.0426 0.0426 0.0426 0.0000 0.0000 0.0000 14 CYS A HA   
118 H HB2  . CYS A 10 ? 0.0526  0.0526  0.0526 0.0000  0.0000  0.0000  0.0478 0.0478 0.0478 0.0000 0.0000 0.0000 14 CYS A HB2  
119 H HB3  . CYS A 10 ? 0.0504  0.0504  0.0504 0.0000  0.0000  0.0000  0.0436 0.0436 0.0436 0.0000 0.0000 0.0000 14 CYS A HB3  
120 N N    . ALA A 11 ? 0.0549  0.0653  0.0552 -0.0011 -0.0119 0.0199  0.0003 0.0002 0.0010 0.0004 0.0009 0.0006 15 ALA A N    
121 C CA   . ALA A 11 ? 0.0676  0.0644  0.0339 -0.0199 -0.0114 0.0153  0.0003 0.0002 0.0012 0.0004 0.0010 0.0008 15 ALA A CA   
122 C C    . ALA A 11 ? 0.0863  0.1044  0.0085 0.0156  0.0043  0.0076  0.0003 0.0003 0.0013 0.0005 0.0011 0.0010 15 ALA A C    
123 O O    . ALA A 11 ? 0.0613  0.1506  0.0120 -0.0157 -0.0195 -0.0237 0.0003 0.0002 0.0008 0.0004 0.0009 0.0006 15 ALA A O    
124 C CB   . ALA A 11 ? 0.0500  0.1643  0.0882 0.0005  -0.0332 0.0385  0.0005 0.0005 0.0018 0.0008 0.0015 0.0016 15 ALA A CB   
125 H H    . ALA A 11 ? 0.0528  0.0528  0.0528 0.0000  0.0000  0.0000  0.0486 0.0486 0.0486 0.0000 0.0000 0.0000 15 ALA A H    
126 H HA   . ALA A 11 ? 0.0439  0.0439  0.0439 0.0000  0.0000  0.0000  0.0402 0.0402 0.0402 0.0000 0.0000 0.0000 15 ALA A HA   
127 H HB1  . ALA A 11 ? 0.0450  0.0450  0.0450 0.0000  0.0000  0.0000  0.0442 0.0442 0.0442 0.0000 0.0000 0.0000 15 ALA A HB1  
128 H HB2  . ALA A 11 ? 0.0485  0.0485  0.0485 0.0000  0.0000  0.0000  0.0463 0.0463 0.0463 0.0000 0.0000 0.0000 15 ALA A HB2  
129 H HB3  . ALA A 11 ? 0.0485  0.0485  0.0485 0.0000  0.0000  0.0000  0.0420 0.0420 0.0420 0.0000 0.0000 0.0000 15 ALA A HB3  
130 N N    . GLY A 12 ? 0.0457  0.1243  0.0030 -0.0222 -0.0110 0.0094  0.0002 0.0002 0.0009 0.0004 0.0008 0.0006 16 GLY A N    
131 C CA   . GLY A 12 ? 0.0559  0.0753  0.0317 -0.0061 -0.0054 0.0255  0.0002 0.0003 0.0011 0.0004 0.0009 0.0009 16 GLY A CA   
132 C C    . GLY A 12 ? 0.0422  0.0738  0.0291 0.0136  -0.0006 -0.0006 0.0003 0.0002 0.0009 0.0004 0.0009 0.0008 16 GLY A C    
133 O O    . GLY A 12 ? 0.0147  0.0920  0.0883 -0.0146 -0.0382 0.0138  0.0002 0.0002 0.0006 0.0003 0.0006 0.0006 16 GLY A O    
134 H H    . GLY A 12 ? 0.0487  0.0487  0.0487 0.0000  0.0000  0.0000  0.0450 0.0450 0.0450 0.0000 0.0000 0.0000 16 GLY A H    
135 H HA2  . GLY A 12 ? 0.0592  0.0592  0.0592 0.0000  0.0000  0.0000  0.0493 0.0493 0.0493 0.0000 0.0000 0.0000 16 GLY A HA2  
136 H HA3  . GLY A 12 ? 0.0571  0.0571  0.0571 0.0000  0.0000  0.0000  0.0491 0.0491 0.0491 0.0000 0.0000 0.0000 16 GLY A HA3  
137 N N    . CYS A 13 ? 0.0516  0.0904  0.0351 -0.0042 -0.0176 -0.0076 0.0003 0.0002 0.0009 0.0004 0.0009 0.0006 17 CYS A N    
138 C CA   . CYS A 13 ? 0.0737  0.0859  0.0321 -0.0116 -0.0016 -0.0009 0.0004 0.0002 0.0012 0.0005 0.0012 0.0009 17 CYS A CA   
139 C C    . CYS A 13 ? 0.0904  0.0649  0.0751 0.0199  -0.0136 0.0197  0.0003 0.0003 0.0016 0.0005 0.0013 0.0011 17 CYS A C    
140 O O    . CYS A 13 ? 0.1935  0.0538  0.1025 0.0443  0.0393  0.0186  0.0004 0.0003 0.0016 0.0005 0.0013 0.0011 17 CYS A O    
141 C CB   . CYS A 13 ? 0.0936  0.0504  0.0503 -0.0059 -0.0024 0.0078  0.0003 0.0002 0.0013 0.0004 0.0013 0.0009 17 CYS A CB   
142 S SG   . CYS A 13 ? 0.0798  0.0774  0.0405 0.0197  -0.0040 0.0097  0.0001 0.0001 0.0003 0.0001 0.0003 0.0002 17 CYS A SG   
143 O OXT  . CYS A 13 ? 0.2891  0.0852  0.0432 0.1050  0.0959  0.0027  0.0004 0.0003 0.0019 0.0006 0.0015 0.0013 17 CYS A OXT  
144 H H    . CYS A 13 ? 0.0582  0.0582  0.0582 0.0000  0.0000  0.0000  0.0502 0.0502 0.0502 0.0000 0.0000 0.0000 17 CYS A H    
145 H HA   . CYS A 13 ? 0.0558  0.0558  0.0558 0.0000  0.0000  0.0000  0.0468 0.0468 0.0468 0.0000 0.0000 0.0000 17 CYS A HA   
146 H HB2  . CYS A 13 ? 0.0562  0.0562  0.0562 0.0000  0.0000  0.0000  0.0458 0.0458 0.0458 0.0000 0.0000 0.0000 17 CYS A HB2  
147 H HB3  . CYS A 13 ? 0.0559  0.0559  0.0559 0.0000  0.0000  0.0000  0.0453 0.0453 0.0453 0.0000 0.0000 0.0000 17 CYS A HB3  
148 O O    . HOH B .  ? 0.0728  0.0511  0.1210 -0.0377 0.0120  0.0260  0.0003 0.0002 0.0009 0.0004 0.0010 0.0006 18 HOH A O    
149 O O    . HOH B .  ? 0.2100  0.1629  0.4267 0.0719  -0.0172 0.0552  0.0013 0.0008 0.0034 0.0017 0.0039 0.0030 19 HOH A O    
150 O O    . HOH B .  ? 0.2210  0.1135  0.3005 0.0314  -0.2154 0.0111  0.0006 0.0003 0.0043 0.0006 0.0029 0.0021 20 HOH A O    
151 O O    . HOH B .  ? 0.3423  0.0427  0.2139 -0.0120 0.1757  -0.0064 0.0010 0.0003 0.0025 0.0010 0.0030 0.0016 21 HOH A O    
152 O O    . HOH B .  ? 0.8843  0.4346  0.1409 -0.1689 -0.1460 -0.0395 0.0016 0.0009 0.0155 0.0023 0.0095 0.0073 22 HOH A O    
153 O O    . HOH B .  ? 0.8332  0.2422  0.0092 -0.0705 0.2843  -0.0513 0.0018 0.0006 0.0081 0.0018 0.0069 0.0041 23 HOH A O    
154 O O    . HOH B .  ? 0.2279  0.3867  0.0368 0.1371  -0.0395 -0.1527 0.0009 0.0006 0.0027 0.0012 0.0027 0.0022 24 HOH A O    
155 O O    . HOH B .  ? 0.0752  0.2003  0.0892 -0.0245 -0.0317 -0.0207 0.0005 0.0003 0.0013 0.0006 0.0013 0.0010 25 HOH A O    
156 O O    . HOH B .  ? 0.0953  0.1289  0.0697 0.0366  0.0192  0.0067  0.0003 0.0003 0.0010 0.0005 0.0010 0.0009 26 HOH A O    
157 O O    . HOH B .  ? 0.3328  0.1136  0.1968 0.1290  0.1241  -0.0397 0.0010 0.0005 0.0025 0.0012 0.0029 0.0020 27 HOH A O    
158 O O    . HOH B .  ? 0.1710  0.3814  0.3053 -0.3270 -0.1428 0.2891  0.0005 0.0010 0.0048 0.0012 0.0027 0.0039 28 HOH A O    
159 O O    . HOH B .  ? -0.0180 0.4654  2.4140 0.5556  -0.7155 -0.9485 0.0126 0.0006 0.0128 0.0055 0.0226 0.0053 29 HOH A O    
160 O O    . HOH B .  ? 0.1659  0.1562  0.1034 -0.0367 0.0248  0.0249  0.0005 0.0003 0.0018 0.0006 0.0017 0.0013 30 HOH A O    
# 
